data_4P8T
#
_entry.id   4P8T
#
_cell.length_a   77.231
_cell.length_b   83.039
_cell.length_c   80.729
_cell.angle_alpha   90.00
_cell.angle_beta   102.84
_cell.angle_gamma   90.00
#
_symmetry.space_group_name_H-M   'P 1 21 1'
#
loop_
_entity.id
_entity.type
_entity.pdbx_description
1 polymer 'Probable decaprenylphosphoryl-beta-D-ribose oxidase'
2 non-polymer 'FLAVIN-ADENINE DINUCLEOTIDE'
3 non-polymer '3-[(4-cyanobenzyl)amino]-6-(trifluoromethyl)quinoxaline-2-carboxylic acid'
4 non-polymer IMIDAZOLE
5 non-polymer (2R)-2-{[(2R)-2-{[(2R)-2-hydroxypropyl]oxy}propyl]oxy}propan-1-ol
6 water water
#
_entity_poly.entity_id   1
_entity_poly.type   'polypeptide(L)'
_entity_poly.pdbx_seq_one_letter_code
;GSSHHHHHHSSGLVPRGSHMLSVGATTTATRLTGWGRTAPSVANVLRTPDAEMIVKAVARVAESGGGRGAIARGLGRSYG
DNAQNGGGLVIDMTPLNTIHSIDADTKLVDIDAGVNLDQLMKAALPFGLWVPVLPGTRQVTVGGAIACDIHGKNHHSAGS
FGNHVRSMDLLTADGEIRHLTPTGEDAELFWATVGGNGLTGIIMRATIEMTPTSTAYFIADGDVTASLDETIALHSDGSE
ARYTYSSAWFDAISAPPKLGRAAVSRGRLATVEQLPAKLRSEPLKFDAPQLLTLPDVFPNGLANKYTFGPIGELWYRKSG
TYRGKVQNLTQFYHPLDMFGEWNRAYGPAGFLQYQFVIPTEAVDEFKKIIGVIQASGHYSFLNVFKLFGPRNQAPLSFPI
PGWNICVDFPIKDGLGKFVSELDRRVLEFGGRLYTAKDSRTTAETFHAMYPRVDEWISVRRKVDPLRVFASDMARRLELL
;
_entity_poly.pdbx_strand_id   A,B
#
loop_
_chem_comp.id
_chem_comp.type
_chem_comp.name
_chem_comp.formula
2J3 non-polymer (2R)-2-{[(2R)-2-{[(2R)-2-hydroxypropyl]oxy}propyl]oxy}propan-1-ol 'C9 H20 O4'
FAD non-polymer 'FLAVIN-ADENINE DINUCLEOTIDE' 'C27 H33 N9 O15 P2'
IMD non-polymer IMIDAZOLE 'C3 H5 N2 1'
R26 non-polymer '3-[(4-cyanobenzyl)amino]-6-(trifluoromethyl)quinoxaline-2-carboxylic acid' 'C18 H11 F3 N4 O2'
#
# COMPACT_ATOMS: atom_id res chain seq x y z
N ALA A 25 18.77 -11.71 -15.89
CA ALA A 25 19.75 -11.04 -16.80
C ALA A 25 21.15 -11.68 -16.72
N THR A 26 21.60 -12.03 -15.51
CA THR A 26 22.99 -12.45 -15.28
C THR A 26 23.17 -13.77 -14.50
N THR A 27 24.23 -14.52 -14.83
CA THR A 27 24.72 -15.66 -14.01
C THR A 27 26.16 -15.40 -13.54
N THR A 28 26.37 -15.49 -12.23
CA THR A 28 27.64 -15.09 -11.62
C THR A 28 28.10 -16.05 -10.52
N ALA A 29 29.36 -16.47 -10.59
CA ALA A 29 29.98 -17.20 -9.49
C ALA A 29 30.13 -16.26 -8.29
N THR A 30 29.58 -16.68 -7.14
CA THR A 30 29.55 -15.83 -5.94
C THR A 30 29.79 -16.65 -4.68
N ARG A 31 30.57 -16.08 -3.75
CA ARG A 31 30.79 -16.68 -2.44
C ARG A 31 29.57 -16.38 -1.55
N LEU A 32 28.82 -17.44 -1.22
CA LEU A 32 27.56 -17.30 -0.49
C LEU A 32 27.62 -17.85 0.93
N THR A 33 27.18 -17.04 1.88
CA THR A 33 27.00 -17.43 3.29
C THR A 33 25.55 -17.20 3.71
N GLY A 34 25.18 -17.72 4.88
CA GLY A 34 23.91 -17.37 5.49
C GLY A 34 24.05 -16.02 6.18
N TRP A 35 23.06 -15.65 6.98
CA TRP A 35 23.08 -14.38 7.70
C TRP A 35 24.13 -14.36 8.76
N GLY A 36 24.44 -15.54 9.31
CA GLY A 36 25.50 -15.71 10.30
C GLY A 36 26.91 -15.55 9.75
N ARG A 37 26.99 -15.36 8.42
CA ARG A 37 28.25 -15.13 7.70
C ARG A 37 29.31 -16.23 7.97
N THR A 38 28.85 -17.48 7.96
CA THR A 38 29.68 -18.65 8.25
C THR A 38 29.45 -19.76 7.21
N ALA A 39 30.42 -20.68 7.12
CA ALA A 39 30.42 -21.81 6.15
C ALA A 39 30.17 -21.38 4.68
N PRO A 40 31.10 -20.61 4.10
CA PRO A 40 30.93 -20.05 2.76
C PRO A 40 31.15 -21.07 1.63
N SER A 41 30.33 -20.98 0.59
CA SER A 41 30.47 -21.87 -0.57
C SER A 41 30.18 -21.13 -1.88
N VAL A 42 30.94 -21.46 -2.92
CA VAL A 42 30.85 -20.77 -4.20
C VAL A 42 29.83 -21.44 -5.12
N ALA A 43 28.90 -20.64 -5.65
CA ALA A 43 27.86 -21.13 -6.55
C ALA A 43 27.62 -20.19 -7.73
N ASN A 44 27.01 -20.72 -8.79
CA ASN A 44 26.54 -19.91 -9.92
C ASN A 44 25.22 -19.24 -9.55
N VAL A 45 25.24 -17.93 -9.37
CA VAL A 45 24.03 -17.21 -8.97
C VAL A 45 23.29 -16.62 -10.16
N LEU A 46 22.11 -17.16 -10.44
CA LEU A 46 21.25 -16.63 -11.49
C LEU A 46 20.30 -15.60 -10.91
N ARG A 47 20.34 -14.39 -11.47
CA ARG A 47 19.46 -13.30 -11.06
C ARG A 47 18.71 -12.75 -12.27
N THR A 48 17.46 -13.16 -12.40
CA THR A 48 16.62 -12.70 -13.50
C THR A 48 15.23 -12.33 -13.01
N PRO A 49 14.63 -11.27 -13.58
CA PRO A 49 13.22 -10.98 -13.30
C PRO A 49 12.28 -11.80 -14.18
N ASP A 50 12.86 -12.56 -15.12
CA ASP A 50 12.08 -13.31 -16.09
C ASP A 50 11.82 -14.75 -15.62
N ALA A 51 10.54 -15.06 -15.40
CA ALA A 51 10.11 -16.37 -14.92
C ALA A 51 10.45 -17.52 -15.85
N GLU A 52 10.29 -17.31 -17.16
CA GLU A 52 10.56 -18.34 -18.16
C GLU A 52 12.05 -18.70 -18.22
N MET A 53 12.89 -17.77 -17.78
CA MET A 53 14.32 -18.02 -17.70
C MET A 53 14.63 -18.97 -16.54
N ILE A 54 13.95 -18.76 -15.41
CA ILE A 54 14.08 -19.62 -14.24
C ILE A 54 13.68 -21.06 -14.57
N VAL A 55 12.60 -21.20 -15.35
CA VAL A 55 12.10 -22.51 -15.78
C VAL A 55 13.16 -23.19 -16.65
N LYS A 56 13.82 -22.39 -17.49
CA LYS A 56 14.79 -22.95 -18.44
C LYS A 56 16.03 -23.49 -17.73
N ALA A 57 16.50 -22.76 -16.72
CA ALA A 57 17.67 -23.17 -15.94
C ALA A 57 17.43 -24.50 -15.22
N VAL A 58 16.27 -24.63 -14.57
CA VAL A 58 15.89 -25.87 -13.90
C VAL A 58 15.82 -27.04 -14.90
N ALA A 59 15.28 -26.77 -16.10
CA ALA A 59 15.25 -27.77 -17.17
C ALA A 59 16.66 -28.13 -17.65
N ARG A 60 17.55 -27.15 -17.68
CA ARG A 60 18.94 -27.38 -18.07
C ARG A 60 19.73 -28.18 -17.02
N VAL A 61 19.50 -27.89 -15.75
CA VAL A 61 20.10 -28.65 -14.64
C VAL A 61 19.57 -30.08 -14.65
N ALA A 62 18.29 -30.25 -14.99
CA ALA A 62 17.67 -31.57 -15.04
C ALA A 62 18.08 -32.39 -16.26
N GLU A 63 18.50 -31.72 -17.33
CA GLU A 63 18.93 -32.37 -18.58
C GLU A 63 20.19 -33.22 -18.36
N SER A 64 21.05 -32.74 -17.46
CA SER A 64 22.24 -33.46 -17.03
C SER A 64 21.85 -34.60 -16.10
N GLY A 65 20.69 -34.45 -15.47
CA GLY A 65 20.23 -35.38 -14.44
C GLY A 65 20.51 -34.86 -13.04
N GLY A 66 20.69 -33.53 -12.94
CA GLY A 66 21.00 -32.86 -11.68
C GLY A 66 22.48 -32.92 -11.31
N GLY A 67 23.33 -32.28 -12.13
CA GLY A 67 24.79 -32.29 -11.94
C GLY A 67 25.19 -32.16 -10.48
N ARG A 68 25.06 -30.96 -9.95
CA ARG A 68 25.14 -30.74 -8.50
C ARG A 68 23.94 -29.90 -8.04
N GLY A 69 22.95 -29.79 -8.92
CA GLY A 69 21.64 -29.26 -8.58
C GLY A 69 21.54 -27.76 -8.45
N ALA A 70 20.34 -27.32 -8.06
CA ALA A 70 19.98 -25.92 -7.87
C ALA A 70 19.17 -25.70 -6.59
N ILE A 71 19.23 -24.49 -6.05
CA ILE A 71 18.41 -24.11 -4.89
C ILE A 71 18.00 -22.63 -4.98
N ALA A 72 16.76 -22.35 -4.64
CA ALA A 72 16.25 -20.99 -4.60
C ALA A 72 16.91 -20.22 -3.46
N ARG A 73 17.11 -18.93 -3.68
CA ARG A 73 17.56 -18.05 -2.63
C ARG A 73 16.63 -16.84 -2.57
N GLY A 74 16.27 -16.44 -1.34
CA GLY A 74 15.51 -15.23 -1.11
C GLY A 74 16.43 -14.12 -0.66
N LEU A 75 16.15 -13.56 0.51
CA LEU A 75 16.89 -12.43 1.04
C LEU A 75 18.10 -12.83 1.89
N GLY A 76 18.37 -14.13 1.97
CA GLY A 76 19.50 -14.65 2.75
C GLY A 76 19.47 -14.37 4.24
N ARG A 77 18.27 -14.31 4.83
CA ARG A 77 18.12 -14.04 6.27
C ARG A 77 18.21 -15.29 7.15
N SER A 78 18.31 -16.46 6.54
CA SER A 78 18.60 -17.68 7.30
C SER A 78 20.06 -17.65 7.70
N TYR A 79 20.35 -18.05 8.93
CA TYR A 79 21.71 -17.98 9.45
C TYR A 79 22.60 -19.10 8.91
N GLY A 80 21.97 -20.21 8.53
CA GLY A 80 22.71 -21.39 8.14
C GLY A 80 22.92 -21.53 6.64
N ASP A 81 23.03 -22.77 6.20
CA ASP A 81 23.46 -23.10 4.84
C ASP A 81 22.34 -23.64 3.95
N ASN A 82 21.09 -23.33 4.28
CA ASN A 82 19.95 -23.84 3.52
C ASN A 82 19.72 -23.17 2.18
N ALA A 83 20.23 -21.95 2.03
CA ALA A 83 20.04 -21.16 0.80
C ALA A 83 21.32 -21.02 -0.02
N GLN A 84 22.23 -21.99 0.11
CA GLN A 84 23.44 -22.03 -0.70
C GLN A 84 23.73 -23.43 -1.25
N ASN A 85 24.44 -23.48 -2.37
CA ASN A 85 24.74 -24.73 -3.05
C ASN A 85 26.13 -24.70 -3.67
N GLY A 86 27.14 -25.07 -2.88
CA GLY A 86 28.54 -25.09 -3.34
C GLY A 86 28.74 -25.92 -4.59
N GLY A 87 29.41 -25.33 -5.58
CA GLY A 87 29.67 -25.98 -6.87
C GLY A 87 28.44 -26.26 -7.70
N GLY A 88 27.41 -25.45 -7.52
CA GLY A 88 26.14 -25.67 -8.21
C GLY A 88 25.44 -24.36 -8.49
N LEU A 89 24.13 -24.43 -8.69
CA LEU A 89 23.35 -23.23 -9.00
C LEU A 89 22.58 -22.69 -7.80
N VAL A 90 22.54 -21.37 -7.70
CA VAL A 90 21.64 -20.66 -6.79
C VAL A 90 20.80 -19.67 -7.61
N ILE A 91 19.48 -19.79 -7.53
CA ILE A 91 18.60 -18.86 -8.21
C ILE A 91 18.07 -17.81 -7.22
N ASP A 92 18.49 -16.56 -7.43
CA ASP A 92 18.01 -15.42 -6.66
C ASP A 92 16.58 -15.08 -7.09
N MET A 93 15.66 -15.07 -6.13
CA MET A 93 14.23 -14.88 -6.43
C MET A 93 13.74 -13.46 -6.14
N THR A 94 14.61 -12.61 -5.59
CA THR A 94 14.22 -11.27 -5.18
C THR A 94 13.75 -10.37 -6.32
N PRO A 95 14.28 -10.54 -7.56
CA PRO A 95 13.74 -9.73 -8.65
C PRO A 95 12.33 -10.14 -9.10
N LEU A 96 11.91 -11.34 -8.72
CA LEU A 96 10.55 -11.79 -9.01
C LEU A 96 9.60 -11.30 -7.92
N ASN A 97 9.33 -9.99 -7.90
CA ASN A 97 8.65 -9.36 -6.76
C ASN A 97 7.38 -8.56 -7.11
N THR A 98 6.60 -9.07 -8.06
CA THR A 98 5.35 -8.43 -8.44
C THR A 98 4.22 -8.81 -7.51
N ILE A 99 3.48 -7.80 -7.06
CA ILE A 99 2.23 -8.02 -6.36
C ILE A 99 1.14 -7.97 -7.43
N HIS A 100 0.54 -9.13 -7.70
CA HIS A 100 -0.45 -9.25 -8.76
C HIS A 100 -1.78 -8.66 -8.38
N SER A 101 -2.27 -9.03 -7.20
CA SER A 101 -3.55 -8.50 -6.72
C SER A 101 -3.67 -8.59 -5.22
N ILE A 102 -4.45 -7.67 -4.65
CA ILE A 102 -4.92 -7.75 -3.28
C ILE A 102 -6.43 -7.52 -3.38
N ASP A 103 -7.20 -8.33 -2.67
CA ASP A 103 -8.65 -8.21 -2.64
C ASP A 103 -9.10 -8.13 -1.18
N ALA A 104 -9.77 -7.03 -0.81
CA ALA A 104 -10.21 -6.81 0.57
C ALA A 104 -11.42 -7.67 0.94
N ASP A 105 -12.23 -8.04 -0.06
CA ASP A 105 -13.45 -8.81 0.17
C ASP A 105 -13.16 -10.29 0.47
N THR A 106 -12.22 -10.88 -0.27
CA THR A 106 -11.78 -12.26 -0.02
C THR A 106 -10.56 -12.36 0.90
N LYS A 107 -9.97 -11.23 1.27
CA LYS A 107 -8.81 -11.19 2.16
C LYS A 107 -7.55 -11.84 1.57
N LEU A 108 -7.54 -12.05 0.26
CA LEU A 108 -6.44 -12.77 -0.41
C LEU A 108 -5.42 -11.86 -1.11
N VAL A 109 -4.15 -12.28 -1.10
CA VAL A 109 -3.11 -11.61 -1.93
C VAL A 109 -2.42 -12.58 -2.90
N ASP A 110 -2.23 -12.15 -4.14
CA ASP A 110 -1.51 -12.94 -5.13
C ASP A 110 -0.17 -12.29 -5.43
N ILE A 111 0.90 -12.90 -4.94
CA ILE A 111 2.23 -12.29 -5.09
C ILE A 111 3.24 -13.32 -5.57
N ASP A 112 4.24 -12.85 -6.33
CA ASP A 112 5.38 -13.67 -6.70
C ASP A 112 6.14 -14.02 -5.44
N ALA A 113 6.90 -15.11 -5.50
CA ALA A 113 7.64 -15.62 -4.35
C ALA A 113 8.70 -14.63 -3.84
N GLY A 114 9.10 -13.69 -4.70
CA GLY A 114 10.18 -12.76 -4.38
C GLY A 114 9.79 -11.50 -3.63
N VAL A 115 8.50 -11.22 -3.52
CA VAL A 115 8.07 -10.08 -2.72
C VAL A 115 8.43 -10.35 -1.26
N ASN A 116 8.78 -9.28 -0.54
CA ASN A 116 9.13 -9.42 0.87
C ASN A 116 8.03 -8.92 1.77
N LEU A 117 8.09 -9.27 3.05
CA LEU A 117 6.97 -9.03 3.97
C LEU A 117 6.80 -7.57 4.37
N ASP A 118 7.88 -6.80 4.27
CA ASP A 118 7.83 -5.35 4.46
C ASP A 118 7.02 -4.71 3.32
N GLN A 119 7.44 -5.01 2.10
CA GLN A 119 6.73 -4.61 0.89
C GLN A 119 5.24 -4.98 0.95
N LEU A 120 4.96 -6.27 1.21
CA LEU A 120 3.58 -6.77 1.32
C LEU A 120 2.76 -6.05 2.42
N MET A 121 3.35 -5.87 3.60
CA MET A 121 2.70 -5.15 4.70
C MET A 121 2.30 -3.73 4.29
N LYS A 122 3.23 -3.02 3.66
CA LYS A 122 3.00 -1.66 3.14
C LYS A 122 1.85 -1.60 2.13
N ALA A 123 1.81 -2.56 1.22
CA ALA A 123 0.81 -2.63 0.17
C ALA A 123 -0.58 -3.05 0.67
N ALA A 124 -0.61 -3.86 1.73
CA ALA A 124 -1.87 -4.47 2.18
C ALA A 124 -2.62 -3.64 3.20
N LEU A 125 -1.92 -2.76 3.90
CA LEU A 125 -2.56 -1.94 4.94
C LEU A 125 -3.74 -1.10 4.46
N PRO A 126 -3.59 -0.40 3.30
CA PRO A 126 -4.71 0.43 2.82
C PRO A 126 -5.99 -0.36 2.54
N PHE A 127 -5.89 -1.68 2.48
CA PHE A 127 -7.06 -2.54 2.28
C PHE A 127 -7.64 -3.03 3.60
N GLY A 128 -7.02 -2.64 4.71
CA GLY A 128 -7.39 -3.18 6.02
C GLY A 128 -6.98 -4.64 6.18
N LEU A 129 -5.83 -4.99 5.61
CA LEU A 129 -5.33 -6.37 5.69
C LEU A 129 -3.97 -6.43 6.39
N TRP A 130 -3.77 -7.51 7.14
CA TRP A 130 -2.56 -7.67 7.95
C TRP A 130 -1.88 -8.95 7.57
N VAL A 131 -0.55 -8.90 7.47
CA VAL A 131 0.25 -10.10 7.23
C VAL A 131 0.07 -11.03 8.43
N PRO A 132 -0.43 -12.26 8.19
CA PRO A 132 -0.92 -13.11 9.29
C PRO A 132 0.18 -13.64 10.19
N VAL A 133 1.39 -13.76 9.67
CA VAL A 133 2.56 -14.20 10.44
C VAL A 133 3.74 -13.29 10.10
N LEU A 134 4.25 -12.59 11.10
CA LEU A 134 5.40 -11.70 10.92
C LEU A 134 6.58 -12.17 11.77
N PRO A 135 7.75 -12.38 11.15
CA PRO A 135 8.92 -12.78 11.91
C PRO A 135 9.60 -11.56 12.54
N GLY A 136 10.67 -11.78 13.29
CA GLY A 136 11.40 -10.71 13.97
C GLY A 136 12.06 -9.67 13.06
N THR A 137 12.05 -9.93 11.76
CA THR A 137 12.48 -8.96 10.76
C THR A 137 11.52 -9.01 9.58
N ARG A 138 11.27 -7.88 8.93
CA ARG A 138 10.37 -7.83 7.77
C ARG A 138 11.10 -8.08 6.45
N GLN A 139 12.42 -8.27 6.51
CA GLN A 139 13.19 -8.53 5.30
C GLN A 139 13.32 -10.03 5.00
N VAL A 140 12.19 -10.68 4.72
CA VAL A 140 12.19 -12.07 4.27
C VAL A 140 11.23 -12.20 3.09
N THR A 141 11.51 -13.12 2.17
CA THR A 141 10.64 -13.29 1.01
C THR A 141 9.47 -14.24 1.31
N VAL A 142 8.41 -14.14 0.49
CA VAL A 142 7.30 -15.06 0.62
C VAL A 142 7.75 -16.50 0.42
N GLY A 143 8.60 -16.73 -0.58
CA GLY A 143 9.22 -18.04 -0.76
C GLY A 143 9.99 -18.48 0.49
N GLY A 144 10.79 -17.56 1.03
CA GLY A 144 11.53 -17.79 2.28
C GLY A 144 10.61 -18.09 3.46
N ALA A 145 9.47 -17.41 3.51
CA ALA A 145 8.53 -17.57 4.62
C ALA A 145 7.86 -18.93 4.57
N ILE A 146 7.55 -19.41 3.36
CA ILE A 146 6.93 -20.72 3.19
C ILE A 146 7.94 -21.84 3.42
N ALA A 147 9.13 -21.66 2.86
CA ALA A 147 10.15 -22.71 2.84
C ALA A 147 10.66 -23.07 4.24
N CYS A 148 10.65 -22.09 5.14
CA CYS A 148 11.04 -22.34 6.53
C CYS A 148 9.83 -22.43 7.46
N ASP A 149 8.65 -22.22 6.88
CA ASP A 149 7.38 -22.24 7.59
C ASP A 149 7.53 -21.35 8.84
N ILE A 150 7.88 -20.09 8.60
CA ILE A 150 8.25 -19.17 9.66
C ILE A 150 7.14 -18.93 10.66
N HIS A 151 7.55 -18.58 11.88
CA HIS A 151 6.64 -18.31 12.98
C HIS A 151 6.87 -16.92 13.48
N GLY A 152 5.92 -16.41 14.24
CA GLY A 152 6.05 -15.08 14.80
C GLY A 152 5.46 -14.97 16.19
N LYS A 153 5.38 -13.74 16.66
CA LYS A 153 4.90 -13.43 18.00
C LYS A 153 3.48 -14.01 18.28
N ASN A 154 2.72 -14.28 17.22
CA ASN A 154 1.34 -14.74 17.35
C ASN A 154 1.14 -16.22 17.07
N HIS A 155 2.19 -17.04 17.20
CA HIS A 155 2.07 -18.47 16.88
C HIS A 155 1.02 -19.18 17.66
N HIS A 156 0.89 -18.86 18.94
CA HIS A 156 -0.04 -19.61 19.78
C HIS A 156 -1.47 -19.39 19.39
N SER A 157 -1.74 -18.32 18.63
CA SER A 157 -3.09 -18.03 18.16
C SER A 157 -3.28 -18.15 16.66
N ALA A 158 -2.21 -18.15 15.87
CA ALA A 158 -2.36 -18.11 14.42
C ALA A 158 -1.61 -19.21 13.66
N GLY A 159 -0.77 -19.96 14.36
CA GLY A 159 0.12 -20.91 13.73
C GLY A 159 1.27 -20.22 12.98
N SER A 160 1.88 -20.95 12.04
CA SER A 160 3.00 -20.43 11.27
C SER A 160 2.56 -20.07 9.85
N PHE A 161 3.50 -19.55 9.07
CA PHE A 161 3.20 -19.01 7.75
C PHE A 161 2.41 -19.99 6.88
N GLY A 162 2.89 -21.24 6.83
CA GLY A 162 2.21 -22.31 6.10
C GLY A 162 0.71 -22.40 6.34
N ASN A 163 0.27 -22.17 7.58
CA ASN A 163 -1.16 -22.24 7.95
C ASN A 163 -2.07 -21.32 7.13
N HIS A 164 -1.48 -20.33 6.47
CA HIS A 164 -2.22 -19.24 5.84
C HIS A 164 -2.07 -19.17 4.35
N VAL A 165 -1.41 -20.16 3.77
CA VAL A 165 -1.19 -20.22 2.34
C VAL A 165 -2.36 -20.99 1.73
N ARG A 166 -3.13 -20.33 0.88
CA ARG A 166 -4.29 -20.95 0.22
C ARG A 166 -3.91 -21.69 -1.06
N SER A 167 -2.90 -21.19 -1.76
CA SER A 167 -2.37 -21.90 -2.91
C SER A 167 -0.94 -21.49 -3.16
N MET A 168 -0.19 -22.33 -3.87
CA MET A 168 1.11 -21.95 -4.36
C MET A 168 1.46 -22.69 -5.62
N ASP A 169 2.29 -22.06 -6.45
CA ASP A 169 2.71 -22.64 -7.71
C ASP A 169 4.18 -23.04 -7.60
N LEU A 170 4.42 -24.34 -7.68
CA LEU A 170 5.75 -24.90 -7.48
C LEU A 170 6.34 -25.40 -8.79
N LEU A 171 7.54 -24.91 -9.10
CA LEU A 171 8.34 -25.38 -10.22
C LEU A 171 9.13 -26.62 -9.79
N THR A 172 8.78 -27.76 -10.39
CA THR A 172 9.40 -29.04 -10.02
C THR A 172 10.56 -29.43 -10.94
N ALA A 173 11.21 -30.55 -10.62
CA ALA A 173 12.38 -31.04 -11.35
C ALA A 173 12.02 -31.38 -12.80
N ASP A 174 10.84 -31.96 -13.01
CA ASP A 174 10.35 -32.31 -14.35
C ASP A 174 10.07 -31.09 -15.23
N GLY A 175 10.32 -29.90 -14.70
CA GLY A 175 10.17 -28.65 -15.45
C GLY A 175 8.75 -28.10 -15.52
N GLU A 176 7.79 -28.88 -15.00
CA GLU A 176 6.39 -28.46 -14.94
C GLU A 176 6.15 -27.52 -13.77
N ILE A 177 5.06 -26.76 -13.82
CA ILE A 177 4.64 -25.93 -12.70
C ILE A 177 3.34 -26.46 -12.10
N ARG A 178 3.46 -27.09 -10.93
CA ARG A 178 2.32 -27.68 -10.21
C ARG A 178 1.64 -26.66 -9.29
N HIS A 179 0.32 -26.56 -9.43
CA HIS A 179 -0.51 -25.71 -8.59
C HIS A 179 -0.98 -26.47 -7.37
N LEU A 180 -0.42 -26.11 -6.21
CA LEU A 180 -0.65 -26.83 -4.97
C LEU A 180 -1.62 -26.11 -4.05
N THR A 181 -2.40 -26.87 -3.29
CA THR A 181 -3.34 -26.35 -2.31
C THR A 181 -3.26 -27.20 -1.02
N PRO A 182 -3.62 -26.62 0.14
CA PRO A 182 -3.51 -27.35 1.40
C PRO A 182 -4.42 -28.59 1.47
N THR A 183 -5.59 -28.53 0.84
CA THR A 183 -6.47 -29.70 0.75
C THR A 183 -6.65 -30.09 -0.70
N GLY A 184 -7.20 -31.27 -0.95
CA GLY A 184 -7.28 -31.75 -2.33
C GLY A 184 -6.02 -32.46 -2.78
N GLU A 185 -5.89 -32.65 -4.09
CA GLU A 185 -4.78 -33.41 -4.63
C GLU A 185 -3.50 -32.58 -4.56
N ASP A 186 -2.37 -33.26 -4.38
CA ASP A 186 -1.08 -32.59 -4.20
C ASP A 186 -0.93 -31.92 -2.83
N ALA A 187 -1.91 -32.13 -1.95
CA ALA A 187 -1.82 -31.70 -0.55
C ALA A 187 -0.54 -32.20 0.13
N GLU A 188 -0.20 -33.46 -0.11
CA GLU A 188 1.05 -34.04 0.38
C GLU A 188 2.27 -33.22 -0.05
N LEU A 189 2.33 -32.83 -1.34
CA LEU A 189 3.43 -32.03 -1.84
C LEU A 189 3.42 -30.58 -1.32
N PHE A 190 2.21 -30.02 -1.17
CA PHE A 190 2.03 -28.72 -0.53
C PHE A 190 2.69 -28.75 0.86
N TRP A 191 2.29 -29.72 1.67
CA TRP A 191 2.77 -29.83 3.05
C TRP A 191 4.19 -30.30 3.19
N ALA A 192 4.76 -30.77 2.09
CA ALA A 192 6.16 -31.13 2.08
C ALA A 192 6.99 -29.90 1.69
N THR A 193 6.38 -29.00 0.92
CA THR A 193 7.02 -27.78 0.45
C THR A 193 7.08 -26.76 1.61
N VAL A 194 5.98 -26.64 2.35
CA VAL A 194 5.96 -25.90 3.61
C VAL A 194 7.06 -26.47 4.51
N GLY A 195 8.02 -25.62 4.88
CA GLY A 195 9.14 -26.04 5.72
C GLY A 195 10.12 -26.96 5.03
N GLY A 196 10.01 -27.06 3.70
CA GLY A 196 10.85 -27.95 2.89
C GLY A 196 12.20 -27.37 2.49
N ASN A 197 12.49 -26.14 2.92
CA ASN A 197 13.77 -25.47 2.63
C ASN A 197 14.16 -25.49 1.17
N GLY A 198 13.20 -25.27 0.28
CA GLY A 198 13.45 -25.25 -1.16
C GLY A 198 13.73 -26.59 -1.82
N LEU A 199 13.60 -27.69 -1.07
CA LEU A 199 13.99 -29.01 -1.57
C LEU A 199 12.91 -29.79 -2.31
N THR A 200 11.77 -29.15 -2.58
CA THR A 200 10.75 -29.76 -3.45
C THR A 200 10.65 -29.00 -4.77
N GLY A 201 11.38 -27.88 -4.87
CA GLY A 201 11.29 -27.03 -6.05
C GLY A 201 11.23 -25.56 -5.71
N ILE A 202 10.99 -24.75 -6.75
CA ILE A 202 10.99 -23.31 -6.59
C ILE A 202 9.56 -22.80 -6.55
N ILE A 203 9.21 -22.15 -5.45
CA ILE A 203 7.93 -21.51 -5.35
C ILE A 203 8.04 -20.29 -6.22
N MET A 204 7.10 -20.15 -7.15
CA MET A 204 7.11 -19.04 -8.09
C MET A 204 6.11 -17.98 -7.63
N ARG A 205 4.95 -18.45 -7.16
CA ARG A 205 3.81 -17.61 -6.95
C ARG A 205 2.97 -18.23 -5.85
N ALA A 206 2.25 -17.41 -5.10
CA ALA A 206 1.45 -17.90 -3.97
C ALA A 206 0.28 -16.99 -3.66
N THR A 207 -0.79 -17.61 -3.16
CA THR A 207 -1.94 -16.87 -2.64
C THR A 207 -1.97 -17.03 -1.13
N ILE A 208 -1.86 -15.91 -0.41
CA ILE A 208 -1.91 -15.89 1.06
C ILE A 208 -3.24 -15.28 1.48
N GLU A 209 -3.89 -15.89 2.48
CA GLU A 209 -5.03 -15.29 3.16
C GLU A 209 -4.56 -14.42 4.32
N MET A 210 -4.94 -13.15 4.28
CA MET A 210 -4.47 -12.16 5.24
C MET A 210 -5.43 -12.06 6.44
N THR A 211 -4.99 -11.37 7.48
CA THR A 211 -5.81 -11.14 8.67
C THR A 211 -6.45 -9.76 8.57
N PRO A 212 -7.79 -9.69 8.72
CA PRO A 212 -8.46 -8.40 8.64
C PRO A 212 -8.09 -7.51 9.83
N THR A 213 -7.87 -6.24 9.57
CA THR A 213 -7.56 -5.28 10.62
C THR A 213 -8.13 -3.90 10.31
N SER A 214 -8.46 -3.13 11.35
CA SER A 214 -8.96 -1.77 11.18
C SER A 214 -7.91 -0.70 11.52
N THR A 215 -6.80 -1.12 12.16
CA THR A 215 -5.68 -0.23 12.49
C THR A 215 -4.33 -0.90 12.25
N ALA A 216 -3.27 -0.09 12.22
CA ALA A 216 -1.89 -0.56 12.12
C ALA A 216 -1.20 -0.54 13.47
N TYR A 217 -2.00 -0.64 14.54
CA TYR A 217 -1.49 -0.51 15.92
C TYR A 217 -1.88 -1.68 16.84
N PHE A 218 -1.13 -1.81 17.93
CA PHE A 218 -1.41 -2.82 18.96
C PHE A 218 -1.81 -2.19 20.30
N ILE A 219 -2.64 -2.92 21.05
CA ILE A 219 -2.83 -2.65 22.48
C ILE A 219 -2.05 -3.68 23.29
N ALA A 220 -1.17 -3.22 24.16
CA ALA A 220 -0.19 -4.07 24.82
C ALA A 220 -0.31 -4.06 26.34
N ASP A 221 -0.01 -5.22 26.93
CA ASP A 221 0.15 -5.35 28.38
C ASP A 221 1.55 -5.84 28.62
N GLY A 222 2.30 -5.13 29.46
CA GLY A 222 3.65 -5.52 29.83
C GLY A 222 3.72 -6.12 31.23
N ASP A 223 4.54 -7.14 31.38
CA ASP A 223 4.79 -7.76 32.68
C ASP A 223 6.25 -8.13 32.84
N VAL A 224 6.75 -8.05 34.07
CA VAL A 224 8.13 -8.39 34.37
C VAL A 224 8.14 -9.41 35.48
N THR A 225 8.87 -10.50 35.27
CA THR A 225 8.95 -11.58 36.24
C THR A 225 10.30 -11.57 36.94
N ALA A 226 10.39 -12.20 38.11
CA ALA A 226 11.61 -12.18 38.91
C ALA A 226 12.53 -13.40 38.71
N SER A 227 11.96 -14.50 38.22
CA SER A 227 12.70 -15.74 38.04
C SER A 227 12.15 -16.57 36.86
N LEU A 228 12.82 -17.67 36.54
CA LEU A 228 12.32 -18.65 35.58
C LEU A 228 10.99 -19.29 35.99
N ASP A 229 10.86 -19.70 37.25
CA ASP A 229 9.59 -20.24 37.77
C ASP A 229 8.44 -19.27 37.56
N GLU A 230 8.74 -17.98 37.73
CA GLU A 230 7.76 -16.92 37.60
C GLU A 230 7.37 -16.73 36.13
N THR A 231 8.36 -16.80 35.24
CA THR A 231 8.13 -16.73 33.79
C THR A 231 7.24 -17.87 33.31
N ILE A 232 7.52 -19.08 33.79
CA ILE A 232 6.72 -20.24 33.42
C ILE A 232 5.28 -20.15 33.96
N ALA A 233 5.14 -19.74 35.22
CA ALA A 233 3.83 -19.59 35.88
C ALA A 233 2.91 -18.64 35.11
N LEU A 234 3.47 -17.52 34.65
CA LEU A 234 2.74 -16.52 33.88
C LEU A 234 2.22 -17.10 32.56
N HIS A 235 3.03 -17.94 31.92
CA HIS A 235 2.66 -18.57 30.64
C HIS A 235 1.76 -19.76 30.83
N SER A 236 1.60 -20.23 32.07
CA SER A 236 0.82 -21.42 32.36
C SER A 236 -0.49 -21.11 33.09
N ASP A 237 -0.71 -19.84 33.42
CA ASP A 237 -1.87 -19.48 34.22
C ASP A 237 -3.17 -19.29 33.43
N GLY A 238 -3.13 -19.56 32.13
CA GLY A 238 -4.29 -19.40 31.25
C GLY A 238 -4.45 -18.00 30.65
N SER A 239 -3.60 -17.06 31.06
CA SER A 239 -3.69 -15.67 30.57
C SER A 239 -3.32 -15.50 29.10
N GLU A 240 -2.55 -16.44 28.59
CA GLU A 240 -2.04 -16.40 27.23
C GLU A 240 -3.17 -16.48 26.19
N ALA A 241 -4.31 -17.02 26.60
CA ALA A 241 -5.48 -17.15 25.72
C ALA A 241 -6.19 -15.81 25.53
N ARG A 242 -5.80 -14.82 26.32
CA ARG A 242 -6.38 -13.47 26.23
C ARG A 242 -5.61 -12.59 25.24
N TYR A 243 -4.47 -13.07 24.76
CA TYR A 243 -3.64 -12.27 23.85
C TYR A 243 -3.35 -13.03 22.58
N THR A 244 -3.50 -12.36 21.44
CA THR A 244 -3.15 -12.97 20.16
C THR A 244 -1.65 -12.96 19.92
N TYR A 245 -0.96 -11.97 20.46
CA TYR A 245 0.49 -11.81 20.30
C TYR A 245 1.15 -11.83 21.67
N SER A 246 2.31 -12.47 21.76
CA SER A 246 3.01 -12.67 23.04
C SER A 246 4.44 -13.18 22.83
N SER A 247 5.41 -12.51 23.43
CA SER A 247 6.79 -12.98 23.51
C SER A 247 7.54 -12.27 24.62
N ALA A 248 8.70 -12.79 25.02
CA ALA A 248 9.48 -12.19 26.10
C ALA A 248 10.99 -12.19 25.84
N TRP A 249 11.69 -11.26 26.48
CA TRP A 249 13.14 -11.39 26.66
C TRP A 249 13.38 -12.04 27.99
N PHE A 250 14.38 -12.90 28.08
CA PHE A 250 14.72 -13.50 29.38
C PHE A 250 16.20 -13.41 29.73
N ASP A 251 16.49 -13.45 31.03
CA ASP A 251 17.88 -13.47 31.53
C ASP A 251 18.47 -14.87 31.42
N ALA A 252 19.52 -15.01 30.61
CA ALA A 252 20.21 -16.29 30.42
C ALA A 252 21.59 -16.35 31.10
N ILE A 253 22.00 -15.26 31.75
CA ILE A 253 23.34 -15.17 32.34
C ILE A 253 23.33 -15.23 33.88
N SER A 254 22.39 -14.53 34.50
CA SER A 254 22.30 -14.52 35.97
C SER A 254 22.10 -15.92 36.54
N ALA A 255 22.67 -16.15 37.72
CA ALA A 255 22.48 -17.41 38.44
C ALA A 255 21.06 -17.45 38.98
N PRO A 256 20.55 -18.65 39.34
CA PRO A 256 19.26 -18.68 40.05
C PRO A 256 19.35 -17.85 41.34
N PRO A 257 18.24 -17.22 41.77
CA PRO A 257 16.89 -17.26 41.17
C PRO A 257 16.66 -16.25 40.05
N LYS A 258 17.64 -15.41 39.77
CA LYS A 258 17.47 -14.39 38.74
C LYS A 258 17.40 -14.98 37.35
N LEU A 259 18.01 -16.16 37.18
CA LEU A 259 17.95 -16.90 35.91
C LEU A 259 16.50 -17.12 35.44
N GLY A 260 16.22 -16.64 34.24
CA GLY A 260 14.95 -16.90 33.59
C GLY A 260 13.92 -15.84 33.84
N ARG A 261 14.32 -14.76 34.50
CA ARG A 261 13.45 -13.61 34.72
C ARG A 261 13.21 -12.96 33.36
N ALA A 262 12.07 -12.30 33.21
CA ALA A 262 11.62 -11.89 31.88
C ALA A 262 10.92 -10.54 31.84
N ALA A 263 11.02 -9.89 30.69
CA ALA A 263 10.15 -8.78 30.33
C ALA A 263 9.23 -9.30 29.24
N VAL A 264 7.96 -9.50 29.58
CA VAL A 264 6.97 -10.06 28.66
C VAL A 264 6.15 -8.96 27.99
N SER A 265 6.03 -9.07 26.68
CA SER A 265 5.24 -8.15 25.88
C SER A 265 4.10 -8.94 25.22
N ARG A 266 2.86 -8.61 25.57
CA ARG A 266 1.69 -9.29 25.00
C ARG A 266 0.63 -8.29 24.56
N GLY A 267 -0.16 -8.64 23.57
CA GLY A 267 -1.21 -7.76 23.11
C GLY A 267 -2.04 -8.31 21.98
N ARG A 268 -2.87 -7.43 21.41
CA ARG A 268 -3.65 -7.74 20.21
C ARG A 268 -3.67 -6.51 19.31
N LEU A 269 -4.08 -6.68 18.06
CA LEU A 269 -4.26 -5.56 17.14
C LEU A 269 -5.38 -4.68 17.67
N ALA A 270 -5.23 -3.37 17.51
CA ALA A 270 -6.20 -2.44 18.07
C ALA A 270 -7.33 -2.18 17.09
N THR A 271 -8.51 -1.86 17.62
CA THR A 271 -9.58 -1.31 16.80
C THR A 271 -9.42 0.20 16.77
N VAL A 272 -10.11 0.86 15.86
CA VAL A 272 -9.94 2.32 15.67
C VAL A 272 -10.52 3.13 16.83
N GLU A 273 -11.58 2.64 17.47
CA GLU A 273 -12.14 3.29 18.67
C GLU A 273 -11.25 3.14 19.90
N GLN A 274 -10.28 2.23 19.85
CA GLN A 274 -9.30 2.06 20.92
C GLN A 274 -8.10 2.99 20.77
N LEU A 275 -8.02 3.68 19.64
CA LEU A 275 -6.96 4.64 19.39
C LEU A 275 -7.26 5.99 20.03
N PRO A 276 -6.22 6.71 20.47
CA PRO A 276 -6.43 8.10 20.86
C PRO A 276 -6.88 8.92 19.65
N ALA A 277 -7.78 9.88 19.89
CA ALA A 277 -8.36 10.71 18.81
C ALA A 277 -7.31 11.24 17.81
N LYS A 278 -6.15 11.62 18.33
CA LYS A 278 -4.98 12.03 17.55
C LYS A 278 -4.64 11.10 16.38
N LEU A 279 -4.76 9.80 16.59
CA LEU A 279 -4.32 8.81 15.60
C LEU A 279 -5.48 8.18 14.85
N ARG A 280 -6.69 8.63 15.17
CA ARG A 280 -7.91 8.05 14.63
C ARG A 280 -8.19 8.44 13.18
N SER A 281 -7.53 9.51 12.72
CA SER A 281 -7.75 10.04 11.37
C SER A 281 -7.02 9.23 10.32
N GLU A 282 -5.91 8.62 10.72
CA GLU A 282 -5.18 7.68 9.87
C GLU A 282 -4.89 6.40 10.64
N PRO A 283 -5.87 5.49 10.74
CA PRO A 283 -5.70 4.29 11.56
C PRO A 283 -4.74 3.25 10.94
N LEU A 284 -4.63 3.25 9.62
CA LEU A 284 -3.88 2.23 8.90
C LEU A 284 -2.53 2.72 8.39
N LYS A 285 -2.12 3.92 8.79
CA LYS A 285 -0.84 4.47 8.35
C LYS A 285 0.31 3.88 9.15
N PHE A 286 1.45 3.67 8.49
CA PHE A 286 2.65 3.18 9.16
C PHE A 286 3.65 4.30 9.39
N ASP A 287 4.14 4.42 10.63
CA ASP A 287 5.09 5.47 11.01
C ASP A 287 6.49 5.21 10.45
N ALA A 288 7.07 6.23 9.83
CA ALA A 288 8.44 6.15 9.30
C ALA A 288 9.45 5.89 10.43
N PRO A 289 10.27 4.81 10.30
CA PRO A 289 11.31 4.52 11.28
C PRO A 289 12.16 5.77 11.55
N GLN A 290 12.31 6.12 12.82
CA GLN A 290 12.99 7.36 13.24
C GLN A 290 14.48 7.40 12.91
N LEU A 291 15.01 8.61 12.80
CA LEU A 291 16.43 8.85 12.56
C LEU A 291 17.23 8.49 13.81
N LEU A 292 16.95 9.18 14.91
CA LEU A 292 17.68 8.98 16.17
C LEU A 292 17.27 7.69 16.89
N THR A 293 18.25 6.81 17.07
CA THR A 293 18.09 5.62 17.89
C THR A 293 18.84 5.87 19.20
N LEU A 294 18.69 4.97 20.17
CA LEU A 294 19.27 5.17 21.51
C LEU A 294 20.81 5.31 21.59
N PRO A 295 21.57 4.55 20.76
CA PRO A 295 23.02 4.74 20.74
C PRO A 295 23.45 6.16 20.38
N ASP A 296 22.62 6.83 19.60
CA ASP A 296 22.87 8.20 19.15
C ASP A 296 22.53 9.23 20.22
N VAL A 297 21.53 8.93 21.05
CA VAL A 297 21.10 9.83 22.14
C VAL A 297 21.99 9.62 23.37
N PHE A 298 22.32 8.38 23.66
CA PHE A 298 23.19 8.04 24.78
C PHE A 298 24.35 7.17 24.29
N PRO A 299 25.47 7.82 23.89
CA PRO A 299 26.60 7.10 23.28
C PRO A 299 27.34 6.19 24.27
N ASN A 300 27.38 6.59 25.54
CA ASN A 300 28.11 5.85 26.56
C ASN A 300 27.21 4.94 27.43
N GLY A 301 26.38 4.16 26.77
CA GLY A 301 25.49 3.20 27.46
C GLY A 301 24.34 3.80 28.25
N LEU A 302 23.57 2.93 28.89
CA LEU A 302 22.40 3.31 29.69
C LEU A 302 22.68 3.24 31.19
N ALA A 303 23.69 2.45 31.56
CA ALA A 303 24.02 2.17 32.96
C ALA A 303 24.40 3.39 33.78
N ASN A 304 23.92 3.42 35.02
CA ASN A 304 24.33 4.39 36.02
C ASN A 304 24.57 3.64 37.33
N LYS A 305 24.85 4.35 38.42
CA LYS A 305 25.16 3.71 39.71
C LYS A 305 23.97 2.94 40.31
N TYR A 306 22.77 3.14 39.74
CA TYR A 306 21.55 2.51 40.23
C TYR A 306 21.22 1.20 39.54
N THR A 307 21.62 1.08 38.28
CA THR A 307 21.17 0.03 37.36
C THR A 307 21.17 -1.38 37.97
N PHE A 308 22.26 -1.74 38.65
CA PHE A 308 22.42 -3.12 39.09
C PHE A 308 22.04 -3.38 40.55
N GLY A 309 21.40 -2.40 41.18
CA GLY A 309 20.92 -2.56 42.53
C GLY A 309 19.39 -2.55 42.60
N PRO A 310 18.85 -2.50 43.83
CA PRO A 310 17.41 -2.53 44.09
C PRO A 310 16.59 -1.42 43.43
N ILE A 311 17.14 -0.21 43.33
CA ILE A 311 16.45 0.88 42.61
C ILE A 311 16.43 0.58 41.11
N GLY A 312 17.52 0.03 40.58
CA GLY A 312 17.58 -0.43 39.20
C GLY A 312 16.54 -1.49 38.90
N GLU A 313 16.43 -2.47 39.80
CA GLU A 313 15.40 -3.51 39.74
C GLU A 313 13.99 -2.94 39.70
N LEU A 314 13.71 -1.96 40.56
CA LEU A 314 12.39 -1.36 40.64
C LEU A 314 12.04 -0.57 39.39
N TRP A 315 13.07 0.03 38.79
CA TRP A 315 12.88 0.84 37.61
C TRP A 315 12.51 0.00 36.41
N TYR A 316 13.19 -1.13 36.23
CA TYR A 316 12.87 -2.04 35.15
C TYR A 316 11.52 -2.67 35.33
N ARG A 317 11.17 -3.05 36.57
CA ARG A 317 9.85 -3.64 36.85
C ARG A 317 8.72 -2.68 36.51
N LYS A 318 8.88 -1.41 36.90
CA LYS A 318 7.88 -0.38 36.63
C LYS A 318 7.75 0.01 35.16
N SER A 319 8.88 0.15 34.46
CA SER A 319 8.81 0.54 33.07
C SER A 319 8.32 -0.63 32.20
N GLY A 320 8.64 -1.85 32.60
CA GLY A 320 8.19 -3.04 31.88
C GLY A 320 6.81 -3.55 32.25
N THR A 321 6.13 -2.86 33.17
CA THR A 321 4.79 -3.25 33.62
C THR A 321 3.80 -2.16 33.24
N TYR A 322 2.78 -2.53 32.46
CA TYR A 322 1.79 -1.57 31.94
C TYR A 322 0.56 -2.31 31.39
N ARG A 323 -0.52 -1.57 31.16
CA ARG A 323 -1.78 -2.14 30.70
C ARG A 323 -2.42 -1.20 29.68
N GLY A 324 -2.92 -1.79 28.59
CA GLY A 324 -3.56 -1.01 27.53
C GLY A 324 -2.72 0.05 26.82
N LYS A 325 -1.41 -0.16 26.69
CA LYS A 325 -0.57 0.79 25.96
C LYS A 325 -0.70 0.60 24.46
N VAL A 326 -0.99 1.69 23.76
CA VAL A 326 -1.13 1.67 22.32
C VAL A 326 0.26 1.82 21.70
N GLN A 327 0.62 0.89 20.82
CA GLN A 327 1.93 0.88 20.18
C GLN A 327 1.81 0.61 18.68
N ASN A 328 2.73 1.20 17.92
CA ASN A 328 2.88 0.86 16.50
C ASN A 328 3.74 -0.39 16.35
N LEU A 329 3.91 -0.85 15.11
CA LEU A 329 4.63 -2.08 14.85
C LEU A 329 6.04 -2.04 15.41
N THR A 330 6.76 -0.96 15.13
CA THR A 330 8.15 -0.81 15.58
C THR A 330 8.28 -0.97 17.09
N GLN A 331 7.33 -0.42 17.85
CA GLN A 331 7.39 -0.48 19.31
C GLN A 331 7.04 -1.85 19.87
N PHE A 332 5.94 -2.42 19.38
CA PHE A 332 5.44 -3.67 19.90
C PHE A 332 6.19 -4.89 19.36
N TYR A 333 6.57 -4.83 18.09
CA TYR A 333 7.09 -6.00 17.38
C TYR A 333 8.59 -5.98 17.11
N HIS A 334 9.18 -4.80 17.02
CA HIS A 334 10.60 -4.68 16.66
C HIS A 334 11.39 -3.91 17.70
N PRO A 335 11.33 -4.35 18.98
CA PRO A 335 11.85 -3.53 20.09
C PRO A 335 13.39 -3.50 20.16
N LEU A 336 14.04 -4.17 19.21
CA LEU A 336 15.50 -4.12 19.08
C LEU A 336 15.91 -2.94 18.21
N ASP A 337 14.97 -2.37 17.46
CA ASP A 337 15.23 -1.27 16.52
C ASP A 337 15.70 0.01 17.20
N MET A 338 15.12 0.31 18.37
CA MET A 338 15.52 1.47 19.16
C MET A 338 16.96 1.38 19.66
N PHE A 339 17.45 0.14 19.85
CA PHE A 339 18.80 -0.10 20.36
C PHE A 339 19.91 0.05 19.31
N GLY A 340 19.51 0.38 18.08
CA GLY A 340 20.42 0.76 17.00
C GLY A 340 21.52 -0.22 16.62
N GLU A 341 22.76 0.23 16.78
CA GLU A 341 23.94 -0.54 16.35
C GLU A 341 24.59 -1.37 17.46
N TRP A 342 24.13 -1.15 18.70
CA TRP A 342 24.79 -1.69 19.89
C TRP A 342 25.10 -3.17 19.89
N ASN A 343 24.16 -3.97 20.45
CA ASN A 343 24.45 -5.38 20.69
C ASN A 343 23.82 -6.33 19.67
N ARG A 344 24.65 -6.77 18.72
CA ARG A 344 24.35 -7.93 17.90
C ARG A 344 25.53 -8.93 17.93
N ALA A 345 26.77 -8.49 18.21
CA ALA A 345 27.13 -7.10 18.60
C ALA A 345 27.69 -6.27 17.44
N TYR A 346 28.89 -6.62 17.00
CA TYR A 346 29.53 -6.03 15.83
C TYR A 346 28.77 -6.38 14.54
N GLY A 347 28.05 -7.50 14.58
CA GLY A 347 27.17 -7.95 13.50
C GLY A 347 26.54 -9.29 13.88
N PRO A 348 26.19 -10.12 12.87
CA PRO A 348 25.83 -11.51 13.18
C PRO A 348 27.08 -12.41 13.22
N ALA A 349 28.22 -11.85 12.80
CA ALA A 349 29.52 -12.49 12.92
C ALA A 349 30.35 -11.72 13.97
N GLY A 350 31.01 -12.42 14.89
CA GLY A 350 31.00 -13.87 15.01
C GLY A 350 30.18 -14.28 16.22
N PHE A 351 28.93 -14.65 15.96
CA PHE A 351 27.99 -15.09 16.98
C PHE A 351 27.32 -16.35 16.47
N LEU A 352 26.97 -17.25 17.38
CA LEU A 352 26.24 -18.45 16.98
C LEU A 352 24.80 -18.35 17.46
N GLN A 353 23.89 -18.27 16.49
CA GLN A 353 22.46 -18.28 16.77
C GLN A 353 21.98 -19.70 17.04
N TYR A 354 21.22 -19.87 18.13
CA TYR A 354 20.74 -21.17 18.54
C TYR A 354 19.29 -21.09 19.00
N GLN A 355 18.41 -21.80 18.29
CA GLN A 355 16.99 -21.80 18.61
C GLN A 355 16.45 -23.22 18.72
N PHE A 356 15.61 -23.46 19.75
CA PHE A 356 15.00 -24.75 19.96
C PHE A 356 13.63 -24.60 20.63
N VAL A 357 12.88 -25.70 20.66
CA VAL A 357 11.59 -25.77 21.33
C VAL A 357 11.47 -27.08 22.12
N ILE A 358 11.03 -26.99 23.37
CA ILE A 358 10.82 -28.16 24.21
C ILE A 358 9.30 -28.32 24.40
N PRO A 359 8.78 -29.55 24.27
CA PRO A 359 7.35 -29.81 24.45
C PRO A 359 6.79 -29.18 25.74
N THR A 360 5.56 -28.66 25.65
CA THR A 360 4.92 -27.97 26.77
C THR A 360 5.02 -28.72 28.10
N GLU A 361 4.71 -30.02 28.08
CA GLU A 361 4.60 -30.82 29.31
C GLU A 361 5.95 -31.01 30.01
N ALA A 362 7.03 -30.91 29.24
CA ALA A 362 8.39 -31.13 29.75
C ALA A 362 8.94 -29.89 30.46
N VAL A 363 8.20 -29.41 31.47
CA VAL A 363 8.57 -28.17 32.17
C VAL A 363 9.89 -28.31 32.95
N ASP A 364 10.06 -29.43 33.66
CA ASP A 364 11.29 -29.65 34.45
C ASP A 364 12.53 -29.80 33.58
N GLU A 365 12.35 -30.49 32.45
CA GLU A 365 13.40 -30.69 31.46
C GLU A 365 13.81 -29.36 30.82
N PHE A 366 12.82 -28.53 30.52
CA PHE A 366 13.08 -27.22 29.95
C PHE A 366 13.85 -26.35 30.93
N LYS A 367 13.46 -26.44 32.21
CA LYS A 367 14.13 -25.71 33.28
C LYS A 367 15.57 -26.13 33.42
N LYS A 368 15.82 -27.43 33.23
CA LYS A 368 17.15 -27.97 33.25
C LYS A 368 18.02 -27.40 32.12
N ILE A 369 17.48 -27.34 30.90
CA ILE A 369 18.24 -26.81 29.77
C ILE A 369 18.69 -25.39 30.02
N ILE A 370 17.77 -24.56 30.51
CA ILE A 370 18.08 -23.17 30.83
C ILE A 370 19.23 -23.08 31.83
N GLY A 371 19.18 -23.92 32.89
CA GLY A 371 20.25 -24.02 33.88
C GLY A 371 21.58 -24.47 33.28
N VAL A 372 21.52 -25.40 32.35
CA VAL A 372 22.72 -25.85 31.66
C VAL A 372 23.35 -24.71 30.90
N ILE A 373 22.53 -23.92 30.19
CA ILE A 373 23.00 -22.77 29.45
C ILE A 373 23.74 -21.78 30.34
N GLN A 374 23.15 -21.41 31.49
CA GLN A 374 23.77 -20.38 32.33
C GLN A 374 25.06 -20.86 33.02
N ALA A 375 25.15 -22.16 33.26
CA ALA A 375 26.34 -22.73 33.88
C ALA A 375 27.46 -23.03 32.87
N SER A 376 27.19 -22.83 31.59
CA SER A 376 28.14 -23.23 30.54
C SER A 376 29.37 -22.32 30.41
N GLY A 377 29.28 -21.11 30.93
CA GLY A 377 30.33 -20.11 30.69
C GLY A 377 30.26 -19.51 29.29
N HIS A 378 29.12 -19.71 28.64
CA HIS A 378 28.79 -18.99 27.40
C HIS A 378 27.65 -18.06 27.68
N TYR A 379 27.86 -16.77 27.40
CA TYR A 379 26.92 -15.72 27.80
C TYR A 379 26.11 -15.15 26.64
N SER A 380 24.79 -15.22 26.77
CA SER A 380 23.87 -14.69 25.77
C SER A 380 23.00 -13.58 26.36
N PHE A 381 22.95 -12.45 25.66
CA PHE A 381 22.18 -11.29 26.08
C PHE A 381 20.89 -11.19 25.29
N LEU A 382 20.98 -11.42 23.98
CA LEU A 382 19.82 -11.30 23.10
C LEU A 382 19.02 -12.60 23.13
N ASN A 383 17.94 -12.58 23.89
CA ASN A 383 17.19 -13.79 24.15
C ASN A 383 15.71 -13.64 23.83
N VAL A 384 15.15 -14.65 23.17
CA VAL A 384 13.72 -14.69 22.92
C VAL A 384 13.11 -15.88 23.66
N PHE A 385 11.97 -15.62 24.29
CA PHE A 385 11.19 -16.65 24.96
C PHE A 385 9.77 -16.51 24.44
N LYS A 386 9.19 -17.63 24.02
CA LYS A 386 7.80 -17.66 23.60
C LYS A 386 7.20 -19.06 23.76
N LEU A 387 5.94 -19.11 24.19
CA LEU A 387 5.19 -20.37 24.23
C LEU A 387 4.44 -20.59 22.91
N PHE A 388 4.85 -21.60 22.14
CA PHE A 388 4.18 -21.97 20.89
C PHE A 388 2.82 -22.64 21.14
N GLY A 389 1.90 -22.51 20.19
CA GLY A 389 0.65 -23.26 20.22
C GLY A 389 0.69 -24.50 19.33
N PRO A 390 -0.49 -25.08 19.01
CA PRO A 390 -0.63 -26.29 18.18
C PRO A 390 0.16 -26.26 16.87
N ARG A 391 0.71 -27.40 16.48
CA ARG A 391 1.51 -27.52 15.27
C ARG A 391 0.64 -27.76 14.03
N ASN A 392 1.26 -27.72 12.85
CA ASN A 392 0.56 -28.01 11.60
C ASN A 392 1.02 -29.34 11.00
N GLN A 393 0.46 -29.69 9.85
CA GLN A 393 0.66 -31.03 9.31
C GLN A 393 1.94 -31.19 8.45
N ALA A 394 2.70 -30.11 8.28
CA ALA A 394 3.97 -30.21 7.55
C ALA A 394 4.96 -31.06 8.35
N PRO A 395 5.44 -32.15 7.73
CA PRO A 395 6.34 -33.07 8.43
C PRO A 395 7.69 -32.48 8.84
N LEU A 396 8.14 -31.41 8.18
CA LEU A 396 9.40 -30.74 8.56
C LEU A 396 9.20 -29.37 9.20
N SER A 397 7.96 -29.07 9.59
CA SER A 397 7.69 -27.81 10.26
C SER A 397 8.45 -27.79 11.57
N PHE A 398 9.10 -26.68 11.85
CA PHE A 398 9.83 -26.54 13.10
C PHE A 398 8.91 -26.48 14.33
N PRO A 399 7.96 -25.51 14.36
CA PRO A 399 7.20 -25.28 15.58
C PRO A 399 6.36 -26.47 16.04
N ILE A 400 6.47 -26.80 17.33
CA ILE A 400 5.55 -27.71 18.02
C ILE A 400 5.06 -26.98 19.29
N PRO A 401 3.88 -27.36 19.82
CA PRO A 401 3.41 -26.72 21.07
C PRO A 401 4.42 -26.88 22.21
N GLY A 402 5.03 -25.78 22.63
CA GLY A 402 5.99 -25.83 23.72
C GLY A 402 6.85 -24.58 23.83
N TRP A 403 7.93 -24.70 24.58
CA TRP A 403 8.76 -23.58 24.98
C TRP A 403 9.81 -23.29 23.97
N ASN A 404 9.68 -22.16 23.29
CA ASN A 404 10.62 -21.77 22.26
C ASN A 404 11.65 -20.78 22.76
N ILE A 405 12.92 -21.13 22.58
CA ILE A 405 14.03 -20.31 23.06
C ILE A 405 15.04 -19.97 21.94
N CYS A 406 15.47 -18.70 21.91
CA CYS A 406 16.53 -18.28 21.00
CA CYS A 406 16.53 -18.24 21.00
C CYS A 406 17.66 -17.62 21.78
N VAL A 407 18.86 -18.14 21.61
CA VAL A 407 20.03 -17.59 22.28
C VAL A 407 21.10 -17.23 21.26
N ASP A 408 22.05 -16.40 21.68
CA ASP A 408 23.01 -15.81 20.76
C ASP A 408 24.38 -15.76 21.43
N PHE A 409 25.19 -16.78 21.16
CA PHE A 409 26.48 -16.93 21.84
C PHE A 409 27.62 -16.37 21.00
N PRO A 410 28.54 -15.62 21.63
CA PRO A 410 29.78 -15.23 20.93
C PRO A 410 30.65 -16.44 20.61
N ILE A 411 31.12 -16.54 19.36
CA ILE A 411 32.04 -17.62 18.99
C ILE A 411 33.32 -17.52 19.85
N LYS A 412 33.66 -18.64 20.49
CA LYS A 412 34.60 -18.67 21.60
C LYS A 412 34.98 -20.12 21.86
N ASP A 413 36.16 -20.34 22.44
CA ASP A 413 36.64 -21.67 22.77
C ASP A 413 35.62 -22.53 23.53
N GLY A 414 35.41 -23.73 23.02
CA GLY A 414 34.53 -24.71 23.66
C GLY A 414 33.09 -24.60 23.24
N LEU A 415 32.75 -23.62 22.42
CA LEU A 415 31.37 -23.37 22.00
C LEU A 415 30.79 -24.50 21.16
N GLY A 416 31.51 -24.89 20.10
CA GLY A 416 31.07 -25.96 19.21
C GLY A 416 30.68 -27.21 19.96
N LYS A 417 31.57 -27.69 20.81
CA LYS A 417 31.33 -28.90 21.57
C LYS A 417 30.24 -28.70 22.62
N PHE A 418 30.11 -27.49 23.15
CA PHE A 418 28.99 -27.21 24.06
C PHE A 418 27.63 -27.30 23.37
N VAL A 419 27.47 -26.69 22.20
CA VAL A 419 26.19 -26.74 21.50
C VAL A 419 25.84 -28.15 21.00
N SER A 420 26.85 -29.00 20.80
CA SER A 420 26.61 -30.39 20.48
C SER A 420 25.96 -31.10 21.65
N GLU A 421 26.34 -30.69 22.85
CA GLU A 421 25.74 -31.22 24.06
C GLU A 421 24.31 -30.70 24.22
N LEU A 422 24.11 -29.43 23.89
CA LEU A 422 22.79 -28.85 23.92
C LEU A 422 21.87 -29.60 22.98
N ASP A 423 22.38 -29.92 21.79
CA ASP A 423 21.66 -30.72 20.79
C ASP A 423 21.13 -31.98 21.45
N ARG A 424 22.02 -32.70 22.14
CA ARG A 424 21.70 -33.96 22.81
C ARG A 424 20.58 -33.74 23.82
N ARG A 425 20.72 -32.68 24.61
CA ARG A 425 19.70 -32.29 25.58
C ARG A 425 18.35 -31.99 24.95
N VAL A 426 18.35 -31.17 23.89
CA VAL A 426 17.11 -30.83 23.19
C VAL A 426 16.46 -32.10 22.66
N LEU A 427 17.26 -32.90 21.93
CA LEU A 427 16.81 -34.17 21.38
C LEU A 427 16.22 -35.09 22.46
N GLU A 428 16.95 -35.25 23.57
CA GLU A 428 16.51 -36.11 24.65
C GLU A 428 15.18 -35.62 25.26
N PHE A 429 14.94 -34.32 25.23
CA PHE A 429 13.72 -33.78 25.82
C PHE A 429 12.56 -33.60 24.83
N GLY A 430 12.59 -34.38 23.74
CA GLY A 430 11.53 -34.36 22.74
C GLY A 430 11.47 -33.12 21.84
N GLY A 431 12.47 -32.24 21.96
CA GLY A 431 12.47 -31.00 21.19
C GLY A 431 13.22 -31.10 19.89
N ARG A 432 13.45 -29.94 19.27
CA ARG A 432 14.15 -29.87 17.97
C ARG A 432 14.80 -28.52 17.77
N LEU A 433 15.73 -28.49 16.81
CA LEU A 433 16.35 -27.27 16.31
C LEU A 433 15.58 -26.76 15.09
N TYR A 434 15.91 -25.54 14.68
CA TYR A 434 15.24 -24.86 13.58
C TYR A 434 16.26 -24.68 12.44
N THR A 435 15.94 -25.21 11.26
CA THR A 435 16.84 -25.15 10.09
C THR A 435 17.25 -23.71 9.72
N ALA A 436 16.32 -22.76 9.87
CA ALA A 436 16.59 -21.36 9.57
C ALA A 436 17.70 -20.75 10.42
N LYS A 437 18.07 -21.41 11.51
CA LYS A 437 19.12 -20.92 12.40
C LYS A 437 20.33 -21.83 12.44
N ASP A 438 20.17 -23.08 11.96
CA ASP A 438 21.24 -24.06 12.07
C ASP A 438 22.28 -24.01 10.96
N SER A 439 23.52 -24.29 11.32
CA SER A 439 24.59 -24.48 10.34
C SER A 439 25.54 -25.60 10.73
N ARG A 440 25.40 -26.12 11.95
CA ARG A 440 26.41 -27.03 12.52
C ARG A 440 25.93 -28.40 13.05
N THR A 441 24.63 -28.58 13.28
CA THR A 441 24.13 -29.89 13.77
C THR A 441 24.37 -31.04 12.78
N THR A 442 24.39 -32.27 13.30
CA THR A 442 24.60 -33.46 12.49
C THR A 442 23.29 -34.01 11.92
N ALA A 443 23.41 -34.77 10.83
CA ALA A 443 22.28 -35.45 10.22
C ALA A 443 21.55 -36.39 11.20
N GLU A 444 22.30 -37.06 12.08
CA GLU A 444 21.73 -38.00 13.03
C GLU A 444 20.87 -37.32 14.08
N THR A 445 21.42 -36.28 14.72
CA THR A 445 20.69 -35.47 15.66
C THR A 445 19.42 -34.94 15.00
N PHE A 446 19.57 -34.40 13.79
CA PHE A 446 18.45 -33.80 13.09
C PHE A 446 17.33 -34.78 12.77
N HIS A 447 17.70 -35.98 12.35
CA HIS A 447 16.72 -36.99 11.92
C HIS A 447 15.94 -37.54 13.07
N ALA A 448 16.57 -37.58 14.23
CA ALA A 448 15.91 -38.04 15.44
C ALA A 448 14.96 -36.97 15.96
N MET A 449 15.31 -35.70 15.76
CA MET A 449 14.47 -34.57 16.20
C MET A 449 13.21 -34.44 15.34
N TYR A 450 13.30 -34.86 14.08
CA TYR A 450 12.19 -34.77 13.14
C TYR A 450 11.75 -36.19 12.73
N PRO A 451 10.93 -36.85 13.59
CA PRO A 451 10.59 -38.27 13.35
C PRO A 451 9.77 -38.53 12.08
N ARG A 452 9.32 -37.47 11.43
CA ARG A 452 8.57 -37.59 10.18
C ARG A 452 9.47 -37.28 8.98
N VAL A 453 10.79 -37.26 9.22
CA VAL A 453 11.77 -36.97 8.15
C VAL A 453 11.74 -38.02 7.03
N ASP A 454 11.60 -39.29 7.38
CA ASP A 454 11.51 -40.37 6.37
C ASP A 454 10.29 -40.19 5.47
N GLU A 455 9.15 -39.87 6.09
CA GLU A 455 7.93 -39.57 5.35
C GLU A 455 8.18 -38.42 4.36
N TRP A 456 8.81 -37.35 4.84
CA TRP A 456 9.12 -36.19 4.01
C TRP A 456 10.07 -36.52 2.89
N ILE A 457 11.11 -37.29 3.19
CA ILE A 457 12.11 -37.72 2.22
C ILE A 457 11.47 -38.52 1.08
N SER A 458 10.53 -39.40 1.43
CA SER A 458 9.80 -40.20 0.45
C SER A 458 9.10 -39.31 -0.57
N VAL A 459 8.47 -38.24 -0.08
CA VAL A 459 7.80 -37.28 -0.93
C VAL A 459 8.82 -36.60 -1.85
N ARG A 460 9.94 -36.19 -1.28
CA ARG A 460 10.99 -35.50 -2.02
C ARG A 460 11.56 -36.35 -3.15
N ARG A 461 11.61 -37.67 -2.94
CA ARG A 461 12.17 -38.60 -3.92
C ARG A 461 11.21 -38.90 -5.05
N LYS A 462 9.91 -38.80 -4.78
CA LYS A 462 8.89 -38.89 -5.82
C LYS A 462 8.91 -37.68 -6.75
N VAL A 463 9.18 -36.52 -6.20
CA VAL A 463 9.02 -35.26 -6.94
C VAL A 463 10.34 -34.82 -7.56
N ASP A 464 11.44 -35.33 -7.02
CA ASP A 464 12.78 -35.02 -7.52
C ASP A 464 13.71 -36.24 -7.39
N PRO A 465 13.56 -37.23 -8.30
CA PRO A 465 14.37 -38.44 -8.25
C PRO A 465 15.83 -38.22 -8.63
N LEU A 466 16.09 -37.17 -9.41
CA LEU A 466 17.46 -36.86 -9.87
C LEU A 466 18.27 -35.94 -8.97
N ARG A 467 17.69 -35.53 -7.84
CA ARG A 467 18.30 -34.55 -6.95
C ARG A 467 18.64 -33.26 -7.72
N VAL A 468 17.67 -32.75 -8.47
CA VAL A 468 17.83 -31.51 -9.22
C VAL A 468 17.92 -30.34 -8.25
N PHE A 469 17.21 -30.46 -7.13
CA PHE A 469 17.28 -29.45 -6.08
C PHE A 469 18.14 -29.96 -4.94
N ALA A 470 19.16 -29.17 -4.60
CA ALA A 470 20.15 -29.56 -3.60
C ALA A 470 20.80 -28.33 -2.97
N SER A 471 21.25 -28.48 -1.74
CA SER A 471 21.90 -27.39 -1.01
C SER A 471 22.97 -27.92 -0.05
N ASP A 472 23.80 -27.02 0.47
CA ASP A 472 24.72 -27.39 1.54
C ASP A 472 23.98 -28.08 2.71
N MET A 473 22.86 -27.50 3.14
CA MET A 473 22.08 -28.09 4.23
C MET A 473 21.55 -29.47 3.89
N ALA A 474 20.98 -29.62 2.70
CA ALA A 474 20.53 -30.93 2.22
C ALA A 474 21.65 -31.97 2.30
N ARG A 475 22.86 -31.60 1.92
CA ARG A 475 23.96 -32.55 1.91
C ARG A 475 24.47 -32.83 3.32
N ARG A 476 24.51 -31.80 4.14
CA ARG A 476 24.93 -31.92 5.53
C ARG A 476 23.93 -32.71 6.38
N LEU A 477 22.65 -32.38 6.28
CA LEU A 477 21.60 -33.02 7.09
C LEU A 477 21.05 -34.29 6.45
N GLU A 478 21.64 -34.67 5.31
CA GLU A 478 21.26 -35.88 4.57
C GLU A 478 19.78 -35.93 4.27
N LEU A 479 19.30 -34.84 3.67
CA LEU A 479 17.94 -34.75 3.16
C LEU A 479 17.96 -34.88 1.64
N LEU A 480 19.17 -34.89 1.08
CA LEU A 480 19.41 -34.97 -0.37
C LEU A 480 18.56 -36.05 -1.06
N THR B 27 -30.09 11.34 10.35
CA THR B 27 -29.83 12.55 9.53
C THR B 27 -29.76 13.83 10.38
N THR B 28 -28.82 14.71 10.04
CA THR B 28 -28.64 15.98 10.75
C THR B 28 -28.94 17.15 9.82
N ALA B 29 -29.78 18.08 10.29
CA ALA B 29 -30.05 19.31 9.56
C ALA B 29 -28.79 20.19 9.58
N THR B 30 -28.15 20.33 8.42
CA THR B 30 -26.85 21.02 8.31
C THR B 30 -26.87 22.16 7.30
N ARG B 31 -26.23 23.28 7.66
CA ARG B 31 -26.10 24.43 6.77
C ARG B 31 -24.90 24.26 5.85
N LEU B 32 -25.17 23.88 4.61
CA LEU B 32 -24.12 23.54 3.65
C LEU B 32 -23.78 24.67 2.68
N THR B 33 -22.51 24.73 2.29
CA THR B 33 -22.04 25.57 1.20
C THR B 33 -21.10 24.76 0.29
N GLY B 34 -20.66 25.35 -0.82
CA GLY B 34 -19.59 24.77 -1.63
C GLY B 34 -18.24 25.28 -1.15
N TRP B 35 -17.18 24.96 -1.88
CA TRP B 35 -15.81 25.41 -1.55
C TRP B 35 -15.61 26.90 -1.72
N GLY B 36 -16.47 27.53 -2.52
CA GLY B 36 -16.47 28.99 -2.67
C GLY B 36 -17.04 29.67 -1.44
N ARG B 37 -17.66 28.86 -0.57
CA ARG B 37 -18.24 29.31 0.71
C ARG B 37 -19.53 30.14 0.54
N THR B 38 -20.00 30.26 -0.71
CA THR B 38 -21.19 31.05 -1.01
C THR B 38 -22.45 30.20 -1.21
N ALA B 39 -23.61 30.86 -1.11
CA ALA B 39 -24.94 30.24 -1.26
C ALA B 39 -25.24 29.12 -0.24
N PRO B 40 -25.54 29.51 1.02
CA PRO B 40 -25.83 28.51 2.07
C PRO B 40 -27.27 28.00 2.05
N SER B 41 -27.46 26.73 2.43
CA SER B 41 -28.80 26.14 2.57
C SER B 41 -28.81 24.99 3.58
N VAL B 42 -29.95 24.82 4.26
CA VAL B 42 -30.11 23.77 5.28
C VAL B 42 -30.69 22.49 4.68
N ALA B 43 -29.99 21.37 4.89
CA ALA B 43 -30.43 20.06 4.40
C ALA B 43 -30.26 18.93 5.42
N ASN B 44 -31.04 17.87 5.24
CA ASN B 44 -30.86 16.63 5.99
C ASN B 44 -29.65 15.86 5.47
N VAL B 45 -28.64 15.71 6.32
CA VAL B 45 -27.40 15.04 5.93
C VAL B 45 -27.27 13.65 6.56
N LEU B 46 -27.56 12.63 5.76
CA LEU B 46 -27.34 11.23 6.13
C LEU B 46 -25.86 10.90 5.97
N ARG B 47 -25.26 10.36 7.04
CA ARG B 47 -23.86 9.96 7.01
C ARG B 47 -23.67 8.57 7.62
N THR B 48 -23.48 7.57 6.76
CA THR B 48 -23.42 6.18 7.21
C THR B 48 -22.54 5.33 6.30
N PRO B 49 -21.71 4.46 6.89
CA PRO B 49 -20.91 3.53 6.09
C PRO B 49 -21.72 2.31 5.62
N ASP B 50 -23.00 2.27 5.96
CA ASP B 50 -23.88 1.16 5.60
C ASP B 50 -24.59 1.44 4.27
N ALA B 51 -24.29 0.63 3.26
CA ALA B 51 -24.84 0.80 1.92
C ALA B 51 -26.36 0.60 1.83
N GLU B 52 -26.90 -0.31 2.65
CA GLU B 52 -28.35 -0.58 2.65
C GLU B 52 -29.14 0.49 3.39
N MET B 53 -28.45 1.25 4.25
CA MET B 53 -29.01 2.45 4.86
C MET B 53 -29.29 3.48 3.77
N ILE B 54 -28.38 3.58 2.81
CA ILE B 54 -28.51 4.49 1.68
C ILE B 54 -29.66 4.06 0.75
N VAL B 55 -29.74 2.76 0.45
CA VAL B 55 -30.87 2.22 -0.33
C VAL B 55 -32.21 2.48 0.36
N LYS B 56 -32.20 2.50 1.69
CA LYS B 56 -33.39 2.85 2.48
C LYS B 56 -33.80 4.31 2.26
N ALA B 57 -32.84 5.23 2.38
CA ALA B 57 -33.12 6.66 2.33
C ALA B 57 -33.67 7.11 0.98
N VAL B 58 -33.13 6.53 -0.09
CA VAL B 58 -33.59 6.83 -1.45
C VAL B 58 -35.00 6.29 -1.68
N ALA B 59 -35.32 5.15 -1.06
CA ALA B 59 -36.67 4.60 -1.10
C ALA B 59 -37.63 5.42 -0.22
N ARG B 60 -37.12 5.96 0.89
CA ARG B 60 -37.87 6.85 1.79
C ARG B 60 -38.20 8.22 1.15
N VAL B 61 -37.37 8.60 0.18
CA VAL B 61 -37.62 9.81 -0.61
C VAL B 61 -38.48 9.46 -1.83
N ALA B 62 -38.35 8.22 -2.30
CA ALA B 62 -39.06 7.74 -3.49
C ALA B 62 -40.58 7.70 -3.36
N GLU B 63 -41.10 7.09 -2.29
CA GLU B 63 -42.55 6.99 -2.08
C GLU B 63 -43.11 8.15 -1.24
N SER B 64 -42.25 9.13 -0.96
CA SER B 64 -42.64 10.38 -0.29
C SER B 64 -43.11 11.45 -1.29
N GLY B 65 -43.52 11.01 -2.48
CA GLY B 65 -44.03 11.90 -3.52
C GLY B 65 -42.99 12.71 -4.28
N GLY B 66 -41.72 12.32 -4.14
CA GLY B 66 -40.61 13.07 -4.74
C GLY B 66 -40.05 14.11 -3.79
N GLY B 67 -40.94 14.97 -3.29
CA GLY B 67 -40.59 16.02 -2.31
C GLY B 67 -39.53 16.98 -2.84
N ARG B 68 -38.61 17.35 -1.96
CA ARG B 68 -37.51 18.21 -2.35
C ARG B 68 -36.21 17.42 -2.63
N GLY B 69 -36.38 16.13 -2.90
CA GLY B 69 -35.32 15.29 -3.47
C GLY B 69 -34.15 14.90 -2.58
N ALA B 70 -33.19 14.22 -3.20
CA ALA B 70 -31.93 13.82 -2.54
C ALA B 70 -30.74 14.02 -3.47
N ILE B 71 -29.60 14.40 -2.91
CA ILE B 71 -28.37 14.51 -3.70
C ILE B 71 -27.17 13.93 -2.96
N ALA B 72 -26.28 13.26 -3.70
CA ALA B 72 -25.02 12.78 -3.14
C ALA B 72 -24.04 13.92 -2.93
N ARG B 73 -23.16 13.76 -1.95
CA ARG B 73 -22.09 14.72 -1.66
C ARG B 73 -20.76 14.00 -1.40
N GLY B 74 -19.70 14.47 -2.05
CA GLY B 74 -18.37 13.90 -1.87
C GLY B 74 -17.67 14.66 -0.78
N LEU B 75 -16.47 15.13 -1.08
CA LEU B 75 -15.69 15.89 -0.12
C LEU B 75 -16.00 17.40 -0.20
N GLY B 76 -17.04 17.75 -0.96
CA GLY B 76 -17.48 19.14 -1.15
C GLY B 76 -16.42 20.08 -1.68
N ARG B 77 -15.68 19.64 -2.71
CA ARG B 77 -14.66 20.49 -3.33
C ARG B 77 -15.17 21.33 -4.51
N SER B 78 -16.37 21.03 -4.99
CA SER B 78 -17.01 21.91 -5.96
C SER B 78 -17.30 23.25 -5.29
N TYR B 79 -16.92 24.34 -5.96
CA TYR B 79 -17.17 25.70 -5.49
C TYR B 79 -18.65 26.04 -5.53
N GLY B 80 -19.39 25.39 -6.42
CA GLY B 80 -20.79 25.68 -6.66
C GLY B 80 -21.77 24.97 -5.77
N ASP B 81 -23.01 24.85 -6.24
CA ASP B 81 -24.12 24.37 -5.45
C ASP B 81 -24.63 23.00 -5.91
N ASN B 82 -23.79 22.26 -6.61
CA ASN B 82 -24.19 20.95 -7.15
C ASN B 82 -24.25 19.81 -6.12
N ALA B 83 -23.57 20.00 -4.99
CA ALA B 83 -23.53 18.98 -3.91
C ALA B 83 -24.41 19.35 -2.72
N GLN B 84 -25.34 20.28 -2.92
CA GLN B 84 -26.26 20.69 -1.87
C GLN B 84 -27.71 20.79 -2.33
N ASN B 85 -28.61 20.41 -1.43
CA ASN B 85 -30.04 20.34 -1.73
C ASN B 85 -30.87 20.96 -0.60
N GLY B 86 -30.97 22.30 -0.64
CA GLY B 86 -31.74 23.06 0.36
C GLY B 86 -33.12 22.49 0.67
N GLY B 87 -33.36 22.23 1.95
CA GLY B 87 -34.64 21.67 2.40
C GLY B 87 -34.94 20.27 1.88
N GLY B 88 -33.88 19.48 1.71
CA GLY B 88 -34.03 18.11 1.20
C GLY B 88 -32.94 17.21 1.75
N LEU B 89 -32.73 16.07 1.08
CA LEU B 89 -31.74 15.10 1.53
C LEU B 89 -30.38 15.24 0.83
N VAL B 90 -29.32 15.24 1.65
CA VAL B 90 -27.95 15.16 1.17
C VAL B 90 -27.31 13.95 1.83
N ILE B 91 -26.97 12.95 1.02
CA ILE B 91 -26.27 11.77 1.49
C ILE B 91 -24.75 11.93 1.33
N ASP B 92 -24.05 11.93 2.47
CA ASP B 92 -22.59 12.02 2.52
C ASP B 92 -21.98 10.65 2.21
N MET B 93 -21.15 10.60 1.17
CA MET B 93 -20.60 9.33 0.68
C MET B 93 -19.24 8.97 1.27
N THR B 94 -18.62 9.90 2.00
CA THR B 94 -17.25 9.67 2.50
C THR B 94 -17.05 8.42 3.40
N PRO B 95 -18.05 8.05 4.25
CA PRO B 95 -17.90 6.81 5.03
C PRO B 95 -17.84 5.54 4.18
N LEU B 96 -18.34 5.60 2.95
CA LEU B 96 -18.30 4.46 2.05
C LEU B 96 -17.00 4.50 1.23
N ASN B 97 -15.89 4.11 1.85
CA ASN B 97 -14.56 4.32 1.28
C ASN B 97 -13.68 3.08 1.19
N THR B 98 -14.29 1.95 0.85
CA THR B 98 -13.59 0.67 0.80
C THR B 98 -12.98 0.43 -0.58
N ILE B 99 -11.65 0.33 -0.61
CA ILE B 99 -10.93 -0.18 -1.77
C ILE B 99 -11.09 -1.70 -1.78
N HIS B 100 -11.85 -2.21 -2.75
CA HIS B 100 -12.21 -3.63 -2.80
C HIS B 100 -11.11 -4.49 -3.36
N SER B 101 -10.55 -4.07 -4.50
CA SER B 101 -9.46 -4.82 -5.11
C SER B 101 -8.65 -3.93 -6.03
N ILE B 102 -7.35 -4.23 -6.10
CA ILE B 102 -6.45 -3.61 -7.05
C ILE B 102 -5.68 -4.74 -7.69
N ASP B 103 -5.55 -4.68 -9.02
CA ASP B 103 -4.94 -5.78 -9.77
C ASP B 103 -3.95 -5.23 -10.81
N ALA B 104 -2.68 -5.60 -10.66
CA ALA B 104 -1.60 -5.05 -11.48
C ALA B 104 -1.59 -5.59 -12.91
N ASP B 105 -2.20 -6.75 -13.11
CA ASP B 105 -2.24 -7.37 -14.43
C ASP B 105 -3.34 -6.76 -15.30
N THR B 106 -4.54 -6.65 -14.75
CA THR B 106 -5.66 -6.07 -15.48
C THR B 106 -5.63 -4.54 -15.40
N LYS B 107 -4.86 -4.00 -14.47
CA LYS B 107 -4.78 -2.55 -14.23
C LYS B 107 -6.08 -1.95 -13.69
N LEU B 108 -6.95 -2.81 -13.18
CA LEU B 108 -8.28 -2.40 -12.69
C LEU B 108 -8.31 -2.20 -11.17
N VAL B 109 -8.91 -1.10 -10.74
CA VAL B 109 -9.21 -0.86 -9.33
C VAL B 109 -10.72 -0.90 -9.13
N ASP B 110 -11.16 -1.63 -8.12
CA ASP B 110 -12.57 -1.72 -7.80
C ASP B 110 -12.75 -1.04 -6.45
N ILE B 111 -13.50 0.06 -6.42
CA ILE B 111 -13.60 0.90 -5.21
C ILE B 111 -15.00 1.45 -4.98
N ASP B 112 -15.32 1.71 -3.71
CA ASP B 112 -16.53 2.43 -3.34
C ASP B 112 -16.42 3.90 -3.75
N ALA B 113 -17.55 4.51 -4.08
CA ALA B 113 -17.59 5.87 -4.61
C ALA B 113 -17.01 6.93 -3.67
N GLY B 114 -16.94 6.60 -2.38
CA GLY B 114 -16.47 7.53 -1.37
C GLY B 114 -14.97 7.58 -1.20
N VAL B 115 -14.24 6.65 -1.81
CA VAL B 115 -12.78 6.69 -1.69
C VAL B 115 -12.23 7.88 -2.47
N ASN B 116 -11.27 8.58 -1.87
CA ASN B 116 -10.71 9.77 -2.49
C ASN B 116 -9.47 9.47 -3.34
N LEU B 117 -9.06 10.44 -4.13
CA LEU B 117 -7.99 10.22 -5.09
C LEU B 117 -6.60 10.14 -4.48
N ASP B 118 -6.42 10.72 -3.29
CA ASP B 118 -5.16 10.62 -2.56
C ASP B 118 -5.03 9.22 -1.96
N GLN B 119 -6.09 8.76 -1.32
CA GLN B 119 -6.17 7.41 -0.76
C GLN B 119 -5.91 6.37 -1.85
N LEU B 120 -6.48 6.60 -3.04
CA LEU B 120 -6.36 5.66 -4.17
C LEU B 120 -4.95 5.64 -4.75
N MET B 121 -4.36 6.83 -4.91
CA MET B 121 -2.97 6.99 -5.35
C MET B 121 -1.98 6.25 -4.44
N LYS B 122 -2.15 6.39 -3.12
CA LYS B 122 -1.31 5.68 -2.16
C LYS B 122 -1.41 4.17 -2.34
N ALA B 123 -2.65 3.68 -2.35
CA ALA B 123 -2.92 2.25 -2.44
C ALA B 123 -2.48 1.65 -3.77
N ALA B 124 -2.64 2.38 -4.87
CA ALA B 124 -2.33 1.89 -6.21
C ALA B 124 -0.85 1.82 -6.55
N LEU B 125 -0.06 2.75 -6.01
CA LEU B 125 1.38 2.83 -6.32
C LEU B 125 2.18 1.52 -6.21
N PRO B 126 2.08 0.79 -5.07
CA PRO B 126 2.89 -0.43 -4.96
C PRO B 126 2.57 -1.50 -6.00
N PHE B 127 1.56 -1.24 -6.83
CA PHE B 127 1.17 -2.14 -7.92
C PHE B 127 1.69 -1.61 -9.25
N GLY B 128 2.44 -0.52 -9.23
CA GLY B 128 2.86 0.14 -10.46
C GLY B 128 1.72 0.75 -11.27
N LEU B 129 0.72 1.30 -10.56
CA LEU B 129 -0.47 1.91 -11.20
C LEU B 129 -0.63 3.34 -10.77
N TRP B 130 -1.12 4.16 -11.70
CA TRP B 130 -1.22 5.60 -11.51
C TRP B 130 -2.62 6.08 -11.80
N VAL B 131 -3.19 6.90 -10.91
CA VAL B 131 -4.51 7.48 -11.13
C VAL B 131 -4.47 8.29 -12.44
N PRO B 132 -5.28 7.88 -13.45
CA PRO B 132 -5.16 8.36 -14.84
C PRO B 132 -5.50 9.83 -15.08
N VAL B 133 -6.29 10.43 -14.20
CA VAL B 133 -6.58 11.87 -14.25
C VAL B 133 -6.58 12.41 -12.83
N LEU B 134 -5.72 13.39 -12.56
CA LEU B 134 -5.66 14.05 -11.25
C LEU B 134 -5.90 15.54 -11.37
N PRO B 135 -6.83 16.07 -10.56
CA PRO B 135 -7.11 17.50 -10.56
C PRO B 135 -6.10 18.29 -9.71
N GLY B 136 -6.31 19.59 -9.57
CA GLY B 136 -5.38 20.45 -8.81
C GLY B 136 -5.36 20.23 -7.31
N THR B 137 -6.24 19.35 -6.82
CA THR B 137 -6.22 18.93 -5.43
C THR B 137 -6.42 17.42 -5.44
N ARG B 138 -5.88 16.74 -4.44
CA ARG B 138 -5.97 15.27 -4.39
C ARG B 138 -7.17 14.85 -3.55
N GLN B 139 -7.82 15.82 -2.90
CA GLN B 139 -8.90 15.54 -1.96
C GLN B 139 -10.27 15.59 -2.62
N VAL B 140 -10.49 14.69 -3.59
CA VAL B 140 -11.80 14.55 -4.22
C VAL B 140 -12.16 13.07 -4.25
N THR B 141 -13.45 12.76 -4.16
CA THR B 141 -13.91 11.38 -4.16
C THR B 141 -14.04 10.89 -5.59
N VAL B 142 -14.10 9.57 -5.74
CA VAL B 142 -14.27 8.99 -7.08
C VAL B 142 -15.64 9.36 -7.66
N GLY B 143 -16.65 9.38 -6.80
CA GLY B 143 -17.99 9.79 -7.20
C GLY B 143 -17.99 11.22 -7.71
N GLY B 144 -17.39 12.13 -6.94
CA GLY B 144 -17.20 13.52 -7.36
C GLY B 144 -16.42 13.64 -8.67
N ALA B 145 -15.39 12.82 -8.80
CA ALA B 145 -14.58 12.78 -10.02
C ALA B 145 -15.39 12.40 -11.26
N ILE B 146 -16.26 11.40 -11.11
CA ILE B 146 -17.10 10.94 -12.22
C ILE B 146 -18.24 11.93 -12.49
N ALA B 147 -18.88 12.40 -11.41
CA ALA B 147 -20.04 13.28 -11.53
C ALA B 147 -19.71 14.64 -12.15
N CYS B 148 -18.49 15.12 -11.93
CA CYS B 148 -18.03 16.33 -12.60
C CYS B 148 -17.15 16.05 -13.82
N ASP B 149 -16.89 14.76 -14.09
CA ASP B 149 -16.03 14.33 -15.21
C ASP B 149 -14.77 15.18 -15.20
N ILE B 150 -14.01 15.06 -14.13
CA ILE B 150 -12.88 15.96 -13.88
C ILE B 150 -11.76 15.83 -14.90
N HIS B 151 -11.05 16.93 -15.12
CA HIS B 151 -9.94 16.97 -16.05
C HIS B 151 -8.69 17.37 -15.29
N GLY B 152 -7.52 17.20 -15.92
CA GLY B 152 -6.27 17.56 -15.29
C GLY B 152 -5.17 17.97 -16.25
N LYS B 153 -3.98 18.12 -15.70
CA LYS B 153 -2.81 18.59 -16.44
C LYS B 153 -2.51 17.72 -17.68
N ASN B 154 -3.06 16.52 -17.73
CA ASN B 154 -2.84 15.59 -18.85
C ASN B 154 -4.04 15.39 -19.76
N HIS B 155 -5.00 16.32 -19.73
CA HIS B 155 -6.22 16.15 -20.54
C HIS B 155 -5.96 15.91 -22.00
N HIS B 156 -5.02 16.64 -22.58
CA HIS B 156 -4.76 16.59 -24.02
C HIS B 156 -4.28 15.25 -24.50
N SER B 157 -3.74 14.45 -23.60
CA SER B 157 -3.26 13.12 -23.95
C SER B 157 -4.04 11.96 -23.31
N ALA B 158 -4.95 12.26 -22.39
CA ALA B 158 -5.62 11.20 -21.63
C ALA B 158 -7.13 11.38 -21.51
N GLY B 159 -7.63 12.54 -21.92
CA GLY B 159 -9.05 12.86 -21.74
C GLY B 159 -9.34 13.16 -20.28
N SER B 160 -10.62 13.03 -19.90
CA SER B 160 -11.05 13.30 -18.54
C SER B 160 -11.31 11.99 -17.77
N PHE B 161 -11.71 12.13 -16.50
CA PHE B 161 -11.92 10.97 -15.63
C PHE B 161 -12.90 9.93 -16.17
N GLY B 162 -14.01 10.41 -16.74
CA GLY B 162 -14.99 9.50 -17.34
C GLY B 162 -14.41 8.55 -18.36
N ASN B 163 -13.40 9.00 -19.11
CA ASN B 163 -12.74 8.20 -20.14
C ASN B 163 -12.10 6.93 -19.63
N HIS B 164 -11.87 6.87 -18.32
CA HIS B 164 -11.08 5.80 -17.73
C HIS B 164 -11.89 4.89 -16.86
N VAL B 165 -13.19 5.14 -16.77
CA VAL B 165 -14.08 4.34 -15.96
C VAL B 165 -14.56 3.15 -16.78
N ARG B 166 -14.23 1.93 -16.33
CA ARG B 166 -14.67 0.71 -17.01
C ARG B 166 -16.06 0.26 -16.61
N SER B 167 -16.50 0.65 -15.41
CA SER B 167 -17.87 0.35 -14.97
C SER B 167 -18.22 1.10 -13.69
N MET B 168 -19.51 1.31 -13.47
CA MET B 168 -20.01 1.80 -12.19
C MET B 168 -21.38 1.25 -11.82
N ASP B 169 -21.65 1.17 -10.52
CA ASP B 169 -22.93 0.74 -10.01
C ASP B 169 -23.70 1.94 -9.47
N LEU B 170 -24.83 2.22 -10.13
CA LEU B 170 -25.64 3.40 -9.85
C LEU B 170 -26.97 3.04 -9.19
N LEU B 171 -27.18 3.57 -7.99
CA LEU B 171 -28.46 3.44 -7.30
C LEU B 171 -29.47 4.41 -7.92
N THR B 172 -30.48 3.86 -8.57
CA THR B 172 -31.50 4.67 -9.25
C THR B 172 -32.74 4.96 -8.39
N ALA B 173 -33.66 5.76 -8.94
CA ALA B 173 -34.83 6.29 -8.23
C ALA B 173 -35.78 5.21 -7.68
N ASP B 174 -35.94 4.13 -8.42
CA ASP B 174 -36.83 3.04 -8.02
C ASP B 174 -36.20 2.00 -7.07
N GLY B 175 -34.96 2.27 -6.61
CA GLY B 175 -34.28 1.41 -5.64
C GLY B 175 -33.30 0.40 -6.23
N GLU B 176 -33.42 0.14 -7.52
CA GLU B 176 -32.57 -0.83 -8.22
C GLU B 176 -31.14 -0.29 -8.42
N ILE B 177 -30.18 -1.20 -8.40
CA ILE B 177 -28.78 -0.87 -8.71
C ILE B 177 -28.44 -1.29 -10.12
N ARG B 178 -27.99 -0.33 -10.93
CA ARG B 178 -27.67 -0.59 -12.33
C ARG B 178 -26.17 -0.59 -12.61
N HIS B 179 -25.72 -1.65 -13.27
CA HIS B 179 -24.31 -1.84 -13.60
C HIS B 179 -24.05 -1.28 -14.97
N LEU B 180 -23.47 -0.08 -15.00
CA LEU B 180 -23.27 0.67 -16.24
C LEU B 180 -21.85 0.51 -16.79
N THR B 181 -21.74 0.40 -18.12
CA THR B 181 -20.44 0.33 -18.80
C THR B 181 -20.39 1.31 -19.98
N PRO B 182 -19.17 1.77 -20.37
CA PRO B 182 -19.02 2.73 -21.48
C PRO B 182 -19.62 2.27 -22.80
N THR B 183 -19.33 1.04 -23.19
CA THR B 183 -19.99 0.39 -24.31
C THR B 183 -21.09 -0.47 -23.71
N GLY B 184 -21.61 -1.44 -24.44
CA GLY B 184 -22.67 -2.27 -23.86
C GLY B 184 -24.04 -1.61 -23.81
N GLU B 185 -25.03 -2.39 -23.37
CA GLU B 185 -26.44 -2.07 -23.53
C GLU B 185 -26.91 -0.78 -22.83
N ASP B 186 -26.23 -0.40 -21.75
CA ASP B 186 -26.66 0.73 -20.95
C ASP B 186 -25.69 1.92 -21.01
N ALA B 187 -24.97 2.03 -22.14
CA ALA B 187 -24.00 3.09 -22.41
C ALA B 187 -24.57 4.50 -22.28
N GLU B 188 -25.81 4.67 -22.72
CA GLU B 188 -26.49 5.96 -22.69
C GLU B 188 -26.59 6.49 -21.25
N LEU B 189 -27.00 5.64 -20.33
CA LEU B 189 -27.13 6.04 -18.92
C LEU B 189 -25.76 6.22 -18.25
N PHE B 190 -24.77 5.47 -18.73
CA PHE B 190 -23.40 5.60 -18.28
C PHE B 190 -22.93 7.01 -18.58
N TRP B 191 -23.01 7.40 -19.86
CA TRP B 191 -22.49 8.69 -20.32
C TRP B 191 -23.32 9.88 -19.92
N ALA B 192 -24.46 9.66 -19.29
CA ALA B 192 -25.24 10.74 -18.71
C ALA B 192 -24.87 10.95 -17.26
N THR B 193 -24.30 9.91 -16.64
CA THR B 193 -23.88 9.98 -15.26
C THR B 193 -22.49 10.63 -15.18
N VAL B 194 -21.68 10.38 -16.21
CA VAL B 194 -20.42 11.07 -16.38
C VAL B 194 -20.74 12.55 -16.65
N GLY B 195 -20.35 13.41 -15.72
CA GLY B 195 -20.57 14.84 -15.88
C GLY B 195 -21.98 15.24 -15.49
N GLY B 196 -22.76 14.25 -15.06
CA GLY B 196 -24.16 14.47 -14.70
C GLY B 196 -24.42 15.07 -13.33
N ASN B 197 -23.36 15.47 -12.64
CA ASN B 197 -23.49 16.13 -11.33
C ASN B 197 -24.37 15.38 -10.31
N GLY B 198 -24.49 14.06 -10.48
CA GLY B 198 -25.19 13.21 -9.53
C GLY B 198 -26.70 13.20 -9.69
N LEU B 199 -27.19 13.52 -10.88
CA LEU B 199 -28.63 13.67 -11.12
C LEU B 199 -29.22 12.46 -11.82
N THR B 200 -28.42 11.43 -11.99
CA THR B 200 -28.92 10.13 -12.45
C THR B 200 -29.15 9.20 -11.24
N GLY B 201 -28.62 9.62 -10.10
CA GLY B 201 -28.64 8.81 -8.88
C GLY B 201 -27.28 8.76 -8.22
N ILE B 202 -27.16 7.88 -7.22
CA ILE B 202 -25.92 7.77 -6.45
C ILE B 202 -25.01 6.68 -7.01
N ILE B 203 -23.79 7.08 -7.37
CA ILE B 203 -22.74 6.15 -7.75
C ILE B 203 -22.29 5.49 -6.45
N MET B 204 -22.33 4.17 -6.43
CA MET B 204 -22.04 3.41 -5.20
C MET B 204 -20.63 2.82 -5.28
N ARG B 205 -20.28 2.34 -6.46
CA ARG B 205 -19.07 1.55 -6.68
C ARG B 205 -18.62 1.75 -8.12
N ALA B 206 -17.30 1.74 -8.33
CA ALA B 206 -16.76 1.93 -9.66
C ALA B 206 -15.56 1.03 -9.90
N THR B 207 -15.33 0.74 -11.18
CA THR B 207 -14.09 0.13 -11.64
C THR B 207 -13.36 1.12 -12.54
N ILE B 208 -12.12 1.44 -12.18
CA ILE B 208 -11.27 2.35 -12.96
C ILE B 208 -10.08 1.63 -13.58
N GLU B 209 -9.82 1.88 -14.86
CA GLU B 209 -8.58 1.44 -15.46
C GLU B 209 -7.47 2.47 -15.19
N MET B 210 -6.44 2.03 -14.48
CA MET B 210 -5.30 2.88 -14.13
C MET B 210 -4.28 2.94 -15.25
N THR B 211 -3.37 3.91 -15.15
CA THR B 211 -2.25 4.03 -16.08
C THR B 211 -1.03 3.33 -15.47
N PRO B 212 -0.39 2.42 -16.23
CA PRO B 212 0.82 1.77 -15.72
C PRO B 212 2.00 2.75 -15.63
N THR B 213 2.75 2.65 -14.54
CA THR B 213 3.95 3.43 -14.34
C THR B 213 4.99 2.61 -13.59
N SER B 214 6.26 2.87 -13.87
CA SER B 214 7.35 2.24 -13.14
C SER B 214 7.85 3.10 -11.97
N THR B 215 7.59 4.41 -12.01
CA THR B 215 7.98 5.31 -10.90
C THR B 215 6.84 6.22 -10.45
N ALA B 216 7.00 6.81 -9.27
CA ALA B 216 6.07 7.84 -8.80
C ALA B 216 6.59 9.23 -9.15
N TYR B 217 7.44 9.31 -10.17
CA TYR B 217 8.10 10.57 -10.46
C TYR B 217 7.86 11.08 -11.87
N PHE B 218 8.18 12.36 -12.05
CA PHE B 218 8.04 13.05 -13.31
C PHE B 218 9.37 13.60 -13.80
N ILE B 219 9.49 13.71 -15.11
CA ILE B 219 10.58 14.42 -15.71
C ILE B 219 10.01 15.66 -16.39
N ALA B 220 10.51 16.82 -15.99
CA ALA B 220 9.87 18.07 -16.36
C ALA B 220 10.76 19.02 -17.16
N ASP B 221 10.14 19.69 -18.12
CA ASP B 221 10.73 20.81 -18.83
C ASP B 221 9.92 22.05 -18.49
N GLY B 222 10.61 23.11 -18.07
CA GLY B 222 9.97 24.42 -17.80
C GLY B 222 10.23 25.42 -18.91
N ASP B 223 9.22 26.19 -19.25
CA ASP B 223 9.37 27.19 -20.29
C ASP B 223 8.69 28.49 -19.92
N VAL B 224 9.15 29.57 -20.56
CA VAL B 224 8.76 30.92 -20.23
C VAL B 224 8.45 31.69 -21.52
N THR B 225 7.48 32.61 -21.44
CA THR B 225 7.06 33.42 -22.60
C THR B 225 6.84 34.89 -22.20
N ALA B 226 7.02 35.81 -23.15
CA ALA B 226 6.94 37.24 -22.85
C ALA B 226 5.60 37.91 -23.18
N SER B 227 4.70 37.16 -23.83
CA SER B 227 3.42 37.69 -24.30
C SER B 227 2.38 36.59 -24.44
N LEU B 228 1.13 36.99 -24.65
CA LEU B 228 0.05 36.06 -24.96
C LEU B 228 0.25 35.33 -26.29
N ASP B 229 0.71 36.06 -27.31
CA ASP B 229 1.00 35.47 -28.62
C ASP B 229 2.01 34.33 -28.54
N GLU B 230 3.02 34.52 -27.71
CA GLU B 230 4.07 33.53 -27.56
C GLU B 230 3.53 32.30 -26.82
N THR B 231 2.68 32.54 -25.82
CA THR B 231 2.01 31.48 -25.08
C THR B 231 1.13 30.64 -26.00
N ILE B 232 0.44 31.30 -26.93
CA ILE B 232 -0.37 30.62 -27.92
C ILE B 232 0.50 29.86 -28.93
N ALA B 233 1.56 30.50 -29.41
CA ALA B 233 2.43 29.87 -30.41
C ALA B 233 3.03 28.58 -29.87
N LEU B 234 3.46 28.61 -28.61
CA LEU B 234 4.11 27.49 -27.97
C LEU B 234 3.16 26.30 -27.84
N HIS B 235 1.89 26.58 -27.61
CA HIS B 235 0.89 25.52 -27.51
C HIS B 235 0.43 25.03 -28.85
N SER B 236 0.80 25.75 -29.90
CA SER B 236 0.36 25.46 -31.25
C SER B 236 1.44 24.85 -32.16
N ASP B 237 2.71 24.94 -31.73
CA ASP B 237 3.84 24.49 -32.57
C ASP B 237 4.04 22.96 -32.58
N GLY B 238 3.16 22.24 -31.89
CA GLY B 238 3.19 20.78 -31.90
C GLY B 238 4.05 20.17 -30.83
N SER B 239 4.70 21.00 -30.02
CA SER B 239 5.50 20.52 -28.89
C SER B 239 4.66 19.84 -27.79
N GLU B 240 3.36 20.14 -27.78
CA GLU B 240 2.46 19.58 -26.79
C GLU B 240 2.32 18.05 -26.90
N ALA B 241 2.54 17.51 -28.10
CA ALA B 241 2.46 16.06 -28.32
C ALA B 241 3.66 15.29 -27.73
N ARG B 242 4.69 16.02 -27.31
CA ARG B 242 5.88 15.41 -26.71
C ARG B 242 5.73 15.24 -25.19
N TYR B 243 4.69 15.82 -24.63
CA TYR B 243 4.44 15.74 -23.20
C TYR B 243 3.05 15.18 -22.88
N THR B 244 2.97 14.32 -21.88
CA THR B 244 1.69 13.80 -21.45
C THR B 244 0.98 14.77 -20.50
N TYR B 245 1.76 15.51 -19.72
CA TYR B 245 1.23 16.55 -18.80
C TYR B 245 1.69 17.96 -19.21
N SER B 246 0.78 18.93 -19.15
CA SER B 246 1.06 20.32 -19.52
C SER B 246 0.10 21.32 -18.89
N SER B 247 0.64 22.37 -18.30
CA SER B 247 -0.15 23.49 -17.79
C SER B 247 0.74 24.71 -17.55
N ALA B 248 0.11 25.87 -17.44
CA ALA B 248 0.87 27.11 -17.31
C ALA B 248 0.19 28.09 -16.37
N TRP B 249 1.01 28.93 -15.75
CA TRP B 249 0.53 30.14 -15.11
C TRP B 249 0.68 31.26 -16.11
N PHE B 250 -0.30 32.16 -16.16
CA PHE B 250 -0.20 33.30 -17.07
C PHE B 250 -0.49 34.63 -16.36
N ASP B 251 0.07 35.69 -16.90
CA ASP B 251 -0.13 37.05 -16.39
C ASP B 251 -1.47 37.61 -16.89
N ALA B 252 -2.33 37.96 -15.92
CA ALA B 252 -3.68 38.46 -16.21
C ALA B 252 -3.86 39.92 -15.79
N ILE B 253 -2.76 40.56 -15.37
CA ILE B 253 -2.82 41.91 -14.79
C ILE B 253 -2.12 42.96 -15.66
N SER B 254 -0.89 42.65 -16.08
CA SER B 254 -0.10 43.56 -16.89
C SER B 254 -0.76 43.87 -18.23
N ALA B 255 -0.46 45.06 -18.75
CA ALA B 255 -0.96 45.50 -20.04
C ALA B 255 -0.23 44.80 -21.18
N PRO B 256 -0.83 44.76 -22.39
CA PRO B 256 -0.11 44.18 -23.54
C PRO B 256 1.19 44.96 -23.87
N PRO B 257 2.17 44.28 -24.49
CA PRO B 257 2.14 42.87 -24.87
C PRO B 257 2.49 41.88 -23.74
N LYS B 258 2.76 42.38 -22.53
CA LYS B 258 3.09 41.53 -21.38
C LYS B 258 1.93 40.63 -20.96
N LEU B 259 0.70 41.11 -21.20
CA LEU B 259 -0.49 40.32 -20.92
C LEU B 259 -0.39 38.96 -21.61
N GLY B 260 -0.64 37.90 -20.83
CA GLY B 260 -0.67 36.54 -21.36
C GLY B 260 0.66 35.82 -21.36
N ARG B 261 1.72 36.49 -20.91
CA ARG B 261 3.01 35.83 -20.71
C ARG B 261 2.86 34.70 -19.69
N ALA B 262 3.60 33.62 -19.89
CA ALA B 262 3.36 32.40 -19.11
C ALA B 262 4.62 31.70 -18.63
N ALA B 263 4.48 31.02 -17.49
CA ALA B 263 5.41 30.00 -17.02
C ALA B 263 4.76 28.64 -17.26
N VAL B 264 5.41 27.83 -18.09
CA VAL B 264 4.81 26.58 -18.55
C VAL B 264 5.53 25.37 -17.97
N SER B 265 4.78 24.53 -17.25
CA SER B 265 5.29 23.30 -16.68
C SER B 265 4.83 22.09 -17.49
N ARG B 266 5.77 21.44 -18.18
CA ARG B 266 5.47 20.29 -19.03
C ARG B 266 6.35 19.09 -18.69
N GLY B 267 5.79 17.89 -18.83
CA GLY B 267 6.52 16.67 -18.51
C GLY B 267 5.77 15.37 -18.74
N ARG B 268 6.40 14.28 -18.33
CA ARG B 268 5.83 12.94 -18.37
C ARG B 268 6.27 12.14 -17.15
N LEU B 269 5.71 10.95 -16.99
CA LEU B 269 6.15 10.05 -15.94
C LEU B 269 7.54 9.50 -16.23
N ALA B 270 8.35 9.42 -15.18
CA ALA B 270 9.71 8.94 -15.28
C ALA B 270 9.73 7.41 -15.28
N THR B 271 10.59 6.85 -16.13
CA THR B 271 10.90 5.44 -16.08
C THR B 271 11.98 5.22 -15.02
N VAL B 272 12.04 4.02 -14.47
CA VAL B 272 12.98 3.69 -13.39
C VAL B 272 14.44 4.04 -13.72
N GLU B 273 14.81 3.85 -14.99
CA GLU B 273 16.16 4.14 -15.51
C GLU B 273 16.60 5.59 -15.35
N GLN B 274 15.64 6.52 -15.42
CA GLN B 274 15.94 7.96 -15.39
C GLN B 274 16.08 8.54 -13.96
N LEU B 275 15.94 7.67 -12.96
CA LEU B 275 16.07 8.06 -11.57
C LEU B 275 17.48 7.90 -11.03
N PRO B 276 17.94 8.85 -10.19
CA PRO B 276 19.18 8.68 -9.43
C PRO B 276 19.13 7.44 -8.55
N ALA B 277 20.26 6.73 -8.48
CA ALA B 277 20.36 5.44 -7.79
C ALA B 277 19.60 5.34 -6.47
N LYS B 278 19.60 6.43 -5.70
CA LYS B 278 18.99 6.45 -4.36
C LYS B 278 17.47 6.22 -4.37
N LEU B 279 16.80 6.70 -5.41
CA LEU B 279 15.37 6.51 -5.56
C LEU B 279 15.03 5.18 -6.25
N ARG B 280 16.00 4.65 -7.00
CA ARG B 280 15.83 3.48 -7.84
C ARG B 280 15.49 2.21 -7.05
N SER B 281 15.66 2.28 -5.73
CA SER B 281 15.33 1.18 -4.83
C SER B 281 13.83 1.10 -4.53
N GLU B 282 13.22 2.23 -4.15
CA GLU B 282 11.76 2.34 -3.99
C GLU B 282 11.19 3.41 -4.92
N PRO B 283 11.07 3.10 -6.23
CA PRO B 283 10.74 4.12 -7.22
C PRO B 283 9.26 4.51 -7.23
N LEU B 284 8.44 3.72 -6.53
CA LEU B 284 7.01 3.94 -6.50
C LEU B 284 6.56 4.49 -5.15
N LYS B 285 7.49 5.12 -4.44
CA LYS B 285 7.24 5.68 -3.11
C LYS B 285 6.68 7.10 -3.19
N PHE B 286 5.76 7.43 -2.30
CA PHE B 286 5.40 8.84 -2.08
C PHE B 286 5.23 9.21 -0.61
N ASP B 287 5.76 10.36 -0.24
CA ASP B 287 5.55 10.97 1.08
C ASP B 287 5.07 12.42 0.92
N ALA B 288 3.90 12.72 1.47
CA ALA B 288 3.34 14.09 1.46
C ALA B 288 4.14 15.02 2.38
N PRO B 289 4.52 16.23 1.88
CA PRO B 289 5.39 17.15 2.64
C PRO B 289 4.67 17.78 3.84
N PRO B 310 11.82 46.32 -15.61
CA PRO B 310 12.83 46.57 -14.59
C PRO B 310 13.85 45.42 -14.43
N ILE B 311 13.46 44.21 -14.84
CA ILE B 311 14.28 43.00 -14.62
C ILE B 311 15.36 42.77 -15.69
N GLY B 312 14.94 42.44 -16.92
CA GLY B 312 15.87 42.11 -18.02
C GLY B 312 15.44 40.82 -18.72
N GLU B 313 14.89 40.96 -19.93
CA GLU B 313 14.18 39.86 -20.58
C GLU B 313 15.00 38.57 -20.77
N LEU B 314 16.25 38.71 -21.20
CA LEU B 314 17.08 37.53 -21.42
C LEU B 314 17.32 36.69 -20.17
N TRP B 315 17.44 37.36 -19.01
CA TRP B 315 17.60 36.65 -17.76
C TRP B 315 16.33 35.93 -17.39
N TYR B 316 15.20 36.60 -17.60
CA TYR B 316 13.88 36.07 -17.34
C TYR B 316 13.61 34.74 -18.09
N ARG B 317 14.15 34.61 -19.30
CA ARG B 317 14.03 33.37 -20.07
C ARG B 317 14.94 32.27 -19.53
N LYS B 318 16.23 32.59 -19.40
CA LYS B 318 17.22 31.67 -18.81
C LYS B 318 16.80 31.18 -17.41
N SER B 319 16.31 32.10 -16.58
CA SER B 319 15.88 31.79 -15.22
C SER B 319 14.68 30.84 -15.15
N GLY B 320 13.74 31.01 -16.07
CA GLY B 320 12.52 30.20 -16.06
C GLY B 320 12.52 28.96 -16.94
N THR B 321 13.67 28.65 -17.54
CA THR B 321 13.78 27.50 -18.43
C THR B 321 14.59 26.38 -17.78
N TYR B 322 14.09 25.15 -17.86
CA TYR B 322 14.83 23.96 -17.42
C TYR B 322 14.42 22.75 -18.24
N ARG B 323 15.31 21.76 -18.28
CA ARG B 323 15.09 20.54 -19.05
C ARG B 323 15.40 19.31 -18.21
N GLY B 324 14.51 18.33 -18.22
CA GLY B 324 14.74 17.06 -17.54
C GLY B 324 14.87 17.09 -16.03
N LYS B 325 14.18 18.01 -15.38
CA LYS B 325 14.16 18.02 -13.92
C LYS B 325 13.31 16.87 -13.35
N VAL B 326 13.87 16.15 -12.38
CA VAL B 326 13.15 15.11 -11.67
C VAL B 326 12.36 15.75 -10.54
N GLN B 327 11.06 15.46 -10.50
CA GLN B 327 10.17 16.03 -9.49
C GLN B 327 9.17 14.97 -9.00
N ASN B 328 8.75 15.09 -7.74
CA ASN B 328 7.64 14.30 -7.23
C ASN B 328 6.32 14.96 -7.63
N LEU B 329 5.21 14.44 -7.12
CA LEU B 329 3.90 14.98 -7.45
C LEU B 329 3.68 16.39 -6.90
N THR B 330 4.07 16.63 -5.64
CA THR B 330 3.91 17.95 -5.03
C THR B 330 4.72 19.03 -5.78
N GLN B 331 5.95 18.71 -6.16
CA GLN B 331 6.79 19.61 -6.94
C GLN B 331 6.29 19.85 -8.35
N PHE B 332 5.59 18.87 -8.93
CA PHE B 332 5.11 18.95 -10.31
C PHE B 332 3.68 19.48 -10.45
N TYR B 333 2.80 19.04 -9.55
CA TYR B 333 1.43 19.57 -9.39
C TYR B 333 1.42 20.56 -8.20
N HIS B 334 2.05 21.72 -8.41
CA HIS B 334 2.39 22.70 -7.35
C HIS B 334 1.34 22.88 -6.28
N GLY B 350 -13.60 35.47 0.37
CA GLY B 350 -13.44 36.74 -0.34
C GLY B 350 -12.92 36.57 -1.77
N PHE B 351 -13.18 35.42 -2.37
CA PHE B 351 -12.71 35.10 -3.72
C PHE B 351 -13.78 34.41 -4.56
N LEU B 352 -13.75 34.68 -5.85
CA LEU B 352 -14.63 34.03 -6.80
C LEU B 352 -13.80 33.40 -7.91
N GLN B 353 -13.74 32.07 -7.91
CA GLN B 353 -13.10 31.31 -8.98
C GLN B 353 -13.98 31.35 -10.21
N TYR B 354 -13.35 31.47 -11.37
CA TYR B 354 -14.09 31.55 -12.61
C TYR B 354 -13.31 30.77 -13.66
N GLN B 355 -13.95 29.73 -14.21
CA GLN B 355 -13.30 28.89 -15.21
C GLN B 355 -14.13 28.79 -16.49
N PHE B 356 -13.47 28.95 -17.62
CA PHE B 356 -14.11 28.82 -18.92
C PHE B 356 -13.17 28.16 -19.92
N VAL B 357 -13.73 27.72 -21.06
CA VAL B 357 -12.92 27.18 -22.16
C VAL B 357 -13.38 27.78 -23.49
N ILE B 358 -12.43 28.30 -24.28
CA ILE B 358 -12.74 28.84 -25.61
C ILE B 358 -12.29 27.83 -26.66
N PRO B 359 -13.17 27.49 -27.65
CA PRO B 359 -12.80 26.53 -28.72
C PRO B 359 -11.50 26.92 -29.42
N THR B 360 -10.67 25.94 -29.72
CA THR B 360 -9.31 26.14 -30.26
C THR B 360 -9.21 27.18 -31.37
N GLU B 361 -10.05 27.06 -32.39
CA GLU B 361 -9.92 27.88 -33.61
C GLU B 361 -10.30 29.33 -33.38
N ALA B 362 -11.01 29.58 -32.28
CA ALA B 362 -11.44 30.92 -31.92
C ALA B 362 -10.32 31.67 -31.16
N VAL B 363 -9.16 31.76 -31.78
CA VAL B 363 -7.97 32.34 -31.16
C VAL B 363 -8.10 33.86 -30.90
N ASP B 364 -8.52 34.59 -31.91
CA ASP B 364 -8.71 36.05 -31.78
C ASP B 364 -9.69 36.37 -30.65
N GLU B 365 -10.80 35.66 -30.63
CA GLU B 365 -11.83 35.82 -29.60
C GLU B 365 -11.27 35.53 -28.20
N PHE B 366 -10.50 34.46 -28.10
CA PHE B 366 -9.83 34.12 -26.86
C PHE B 366 -8.92 35.25 -26.38
N LYS B 367 -8.11 35.79 -27.29
CA LYS B 367 -7.24 36.94 -26.98
C LYS B 367 -8.02 38.15 -26.49
N LYS B 368 -9.20 38.36 -27.06
CA LYS B 368 -10.09 39.44 -26.67
C LYS B 368 -10.51 39.31 -25.19
N ILE B 369 -11.02 38.15 -24.79
CA ILE B 369 -11.47 37.94 -23.40
C ILE B 369 -10.36 38.19 -22.37
N ILE B 370 -9.13 37.77 -22.69
CA ILE B 370 -7.98 38.03 -21.81
C ILE B 370 -7.76 39.54 -21.70
N GLY B 371 -7.86 40.24 -22.83
CA GLY B 371 -7.76 41.70 -22.85
C GLY B 371 -8.85 42.36 -22.01
N VAL B 372 -10.07 41.83 -22.13
CA VAL B 372 -11.19 42.31 -21.34
C VAL B 372 -10.97 42.10 -19.85
N ILE B 373 -10.40 40.94 -19.50
CA ILE B 373 -10.15 40.63 -18.10
C ILE B 373 -9.15 41.62 -17.47
N GLN B 374 -8.03 41.86 -18.16
CA GLN B 374 -6.99 42.75 -17.62
C GLN B 374 -7.43 44.22 -17.57
N ALA B 375 -8.17 44.66 -18.59
CA ALA B 375 -8.61 46.05 -18.68
C ALA B 375 -9.72 46.40 -17.68
N SER B 376 -10.35 45.38 -17.10
CA SER B 376 -11.52 45.57 -16.25
C SER B 376 -11.20 46.02 -14.81
N GLY B 377 -9.91 46.09 -14.47
CA GLY B 377 -9.51 46.47 -13.12
C GLY B 377 -9.79 45.43 -12.05
N HIS B 378 -10.10 44.21 -12.47
CA HIS B 378 -10.23 43.09 -11.54
C HIS B 378 -9.03 42.21 -11.68
N TYR B 379 -8.25 42.12 -10.61
CA TYR B 379 -6.92 41.54 -10.68
C TYR B 379 -6.88 40.11 -10.15
N SER B 380 -6.32 39.21 -10.95
CA SER B 380 -6.20 37.81 -10.57
C SER B 380 -4.75 37.34 -10.64
N PHE B 381 -4.27 36.77 -9.52
CA PHE B 381 -2.90 36.27 -9.41
C PHE B 381 -2.82 34.77 -9.69
N LEU B 382 -3.76 34.01 -9.13
CA LEU B 382 -3.77 32.56 -9.25
C LEU B 382 -4.44 32.14 -10.55
N ASN B 383 -3.63 31.98 -11.60
CA ASN B 383 -4.14 31.72 -12.94
C ASN B 383 -3.68 30.39 -13.52
N VAL B 384 -4.56 29.74 -14.28
CA VAL B 384 -4.24 28.48 -14.94
C VAL B 384 -4.57 28.58 -16.44
N PHE B 385 -3.60 28.18 -17.26
CA PHE B 385 -3.74 28.16 -18.70
C PHE B 385 -3.43 26.73 -19.13
N LYS B 386 -4.30 26.17 -19.96
CA LYS B 386 -4.11 24.83 -20.50
C LYS B 386 -4.95 24.62 -21.76
N LEU B 387 -4.36 23.96 -22.75
CA LEU B 387 -5.06 23.58 -23.98
C LEU B 387 -5.64 22.15 -23.86
N PHE B 388 -6.96 22.04 -23.92
CA PHE B 388 -7.66 20.74 -23.83
C PHE B 388 -7.50 19.93 -25.12
N GLY B 389 -7.56 18.61 -24.99
CA GLY B 389 -7.61 17.71 -26.13
C GLY B 389 -9.04 17.41 -26.55
N PRO B 390 -9.24 16.35 -27.34
CA PRO B 390 -10.59 15.98 -27.81
C PRO B 390 -11.56 15.70 -26.66
N ARG B 391 -12.85 15.97 -26.90
CA ARG B 391 -13.89 15.71 -25.90
C ARG B 391 -14.26 14.23 -25.84
N ASN B 392 -14.95 13.82 -24.78
CA ASN B 392 -15.56 12.49 -24.71
C ASN B 392 -17.05 12.55 -25.06
N GLN B 393 -17.75 11.42 -24.95
CA GLN B 393 -19.12 11.39 -25.44
C GLN B 393 -20.23 11.74 -24.43
N ALA B 394 -19.83 12.26 -23.27
CA ALA B 394 -20.77 12.67 -22.23
C ALA B 394 -21.41 14.02 -22.57
N PRO B 395 -22.75 14.04 -22.72
CA PRO B 395 -23.48 15.26 -23.10
C PRO B 395 -23.16 16.50 -22.25
N LEU B 396 -22.81 16.31 -20.97
CA LEU B 396 -22.54 17.44 -20.08
C LEU B 396 -21.08 17.58 -19.64
N SER B 397 -20.19 16.82 -20.27
CA SER B 397 -18.76 16.99 -20.07
C SER B 397 -18.35 18.44 -20.32
N PHE B 398 -17.54 18.98 -19.44
CA PHE B 398 -17.08 20.37 -19.58
C PHE B 398 -16.01 20.54 -20.67
N PRO B 399 -14.97 19.69 -20.69
CA PRO B 399 -13.89 19.97 -21.63
C PRO B 399 -14.26 19.75 -23.09
N ILE B 400 -13.80 20.68 -23.93
CA ILE B 400 -13.83 20.55 -25.38
C ILE B 400 -12.44 20.96 -25.84
N PRO B 401 -12.01 20.53 -27.05
CA PRO B 401 -10.69 21.00 -27.48
C PRO B 401 -10.62 22.54 -27.52
N GLY B 402 -9.60 23.10 -26.89
CA GLY B 402 -9.49 24.56 -26.81
C GLY B 402 -8.89 25.13 -25.54
N TRP B 403 -8.98 26.45 -25.40
CA TRP B 403 -8.28 27.20 -24.37
C TRP B 403 -8.99 27.24 -23.06
N ASN B 404 -8.43 26.55 -22.06
CA ASN B 404 -9.00 26.54 -20.72
C ASN B 404 -8.28 27.54 -19.83
N ILE B 405 -9.06 28.39 -19.17
CA ILE B 405 -8.54 29.41 -18.26
C ILE B 405 -9.22 29.33 -16.89
N CYS B 406 -8.40 29.36 -15.84
CA CYS B 406 -8.89 29.64 -14.49
C CYS B 406 -8.37 30.99 -13.99
N VAL B 407 -9.28 31.77 -13.38
CA VAL B 407 -8.93 33.03 -12.76
C VAL B 407 -9.59 33.13 -11.40
N ASP B 408 -8.95 33.87 -10.49
CA ASP B 408 -9.42 34.01 -9.12
C ASP B 408 -9.57 35.49 -8.75
N PHE B 409 -10.80 35.97 -8.78
CA PHE B 409 -11.07 37.38 -8.55
C PHE B 409 -11.45 37.64 -7.10
N PRO B 410 -10.77 38.61 -6.46
CA PRO B 410 -11.15 39.04 -5.12
C PRO B 410 -12.53 39.68 -5.19
N ILE B 411 -13.39 39.34 -4.22
CA ILE B 411 -14.72 39.94 -4.15
C ILE B 411 -14.60 41.46 -3.93
N LYS B 412 -15.17 42.19 -4.88
CA LYS B 412 -15.02 43.65 -4.97
C LYS B 412 -16.27 44.19 -5.68
N ASP B 413 -16.51 45.49 -5.58
CA ASP B 413 -17.73 46.11 -6.13
C ASP B 413 -17.86 46.00 -7.66
N GLY B 414 -19.05 45.58 -8.09
CA GLY B 414 -19.35 45.40 -9.51
C GLY B 414 -18.68 44.20 -10.15
N LEU B 415 -18.25 43.23 -9.34
CA LEU B 415 -17.68 41.99 -9.86
C LEU B 415 -18.76 41.17 -10.54
N GLY B 416 -19.90 41.02 -9.87
CA GLY B 416 -21.06 40.31 -10.41
C GLY B 416 -21.44 40.79 -11.80
N LYS B 417 -21.47 42.11 -12.00
CA LYS B 417 -21.78 42.71 -13.30
C LYS B 417 -20.70 42.38 -14.32
N PHE B 418 -19.44 42.38 -13.88
CA PHE B 418 -18.35 42.05 -14.78
C PHE B 418 -18.36 40.59 -15.24
N VAL B 419 -18.49 39.65 -14.30
CA VAL B 419 -18.51 38.23 -14.67
C VAL B 419 -19.73 37.86 -15.54
N SER B 420 -20.84 38.58 -15.36
CA SER B 420 -21.98 38.47 -16.26
C SER B 420 -21.60 38.84 -17.68
N GLU B 421 -20.76 39.86 -17.81
CA GLU B 421 -20.27 40.28 -19.13
C GLU B 421 -19.31 39.24 -19.70
N LEU B 422 -18.56 38.58 -18.83
CA LEU B 422 -17.65 37.51 -19.24
C LEU B 422 -18.41 36.32 -19.76
N ASP B 423 -19.41 35.89 -18.97
CA ASP B 423 -20.34 34.84 -19.38
C ASP B 423 -20.80 35.05 -20.82
N ARG B 424 -21.29 36.25 -21.11
CA ARG B 424 -21.81 36.58 -22.43
C ARG B 424 -20.75 36.54 -23.53
N ARG B 425 -19.50 36.83 -23.20
CA ARG B 425 -18.42 36.69 -24.18
C ARG B 425 -18.12 35.21 -24.47
N VAL B 426 -17.95 34.43 -23.40
CA VAL B 426 -17.67 33.00 -23.52
C VAL B 426 -18.77 32.33 -24.33
N LEU B 427 -20.01 32.70 -24.02
CA LEU B 427 -21.18 32.28 -24.78
C LEU B 427 -21.09 32.67 -26.27
N GLU B 428 -20.89 33.96 -26.55
CA GLU B 428 -20.74 34.43 -27.92
C GLU B 428 -19.69 33.65 -28.67
N PHE B 429 -18.59 33.31 -27.99
CA PHE B 429 -17.43 32.73 -28.66
C PHE B 429 -17.45 31.21 -28.75
N GLY B 430 -18.56 30.61 -28.32
CA GLY B 430 -18.80 29.18 -28.49
C GLY B 430 -18.28 28.32 -27.37
N GLY B 431 -17.85 28.95 -26.28
CA GLY B 431 -17.28 28.24 -25.14
C GLY B 431 -18.28 27.96 -24.04
N ARG B 432 -17.79 27.51 -22.88
CA ARG B 432 -18.66 27.16 -21.76
C ARG B 432 -18.04 27.37 -20.36
N LEU B 433 -18.91 27.46 -19.35
CA LEU B 433 -18.48 27.42 -17.95
C LEU B 433 -18.55 26.01 -17.40
N TYR B 434 -17.89 25.80 -16.26
CA TYR B 434 -17.78 24.51 -15.59
C TYR B 434 -18.69 24.55 -14.36
N THR B 435 -19.59 23.57 -14.26
CA THR B 435 -20.54 23.47 -13.14
C THR B 435 -19.85 23.36 -11.78
N ALA B 436 -18.72 22.65 -11.75
CA ALA B 436 -17.91 22.50 -10.53
C ALA B 436 -17.42 23.83 -9.94
N LYS B 437 -17.46 24.90 -10.75
CA LYS B 437 -17.03 26.22 -10.29
C LYS B 437 -18.19 27.24 -10.26
N ASP B 438 -19.38 26.80 -10.66
CA ASP B 438 -20.48 27.73 -10.89
C ASP B 438 -21.59 27.70 -9.83
N SER B 439 -22.01 28.91 -9.44
CA SER B 439 -23.18 29.08 -8.57
C SER B 439 -24.09 30.24 -9.04
N ARG B 440 -23.67 30.95 -10.08
CA ARG B 440 -24.28 32.24 -10.47
C ARG B 440 -25.12 32.18 -11.74
N THR B 441 -24.57 31.58 -12.80
CA THR B 441 -25.12 31.68 -14.14
C THR B 441 -26.58 31.20 -14.27
N THR B 442 -27.26 31.67 -15.32
CA THR B 442 -28.69 31.38 -15.52
C THR B 442 -28.91 30.07 -16.27
N ALA B 443 -30.12 29.56 -16.17
CA ALA B 443 -30.51 28.36 -16.89
C ALA B 443 -30.24 28.49 -18.39
N GLU B 444 -30.67 29.61 -18.99
CA GLU B 444 -30.54 29.81 -20.44
C GLU B 444 -29.09 29.89 -20.93
N THR B 445 -28.23 30.60 -20.20
CA THR B 445 -26.78 30.61 -20.50
C THR B 445 -26.19 29.19 -20.50
N PHE B 446 -26.58 28.39 -19.52
CA PHE B 446 -26.10 27.02 -19.41
C PHE B 446 -26.53 26.17 -20.59
N HIS B 447 -27.83 26.22 -20.89
CA HIS B 447 -28.42 25.43 -21.97
C HIS B 447 -27.83 25.77 -23.31
N ALA B 448 -27.47 27.04 -23.49
CA ALA B 448 -26.84 27.50 -24.73
C ALA B 448 -25.39 27.04 -24.85
N MET B 449 -24.68 27.00 -23.72
CA MET B 449 -23.31 26.52 -23.69
C MET B 449 -23.21 25.01 -23.90
N TYR B 450 -24.25 24.29 -23.50
CA TYR B 450 -24.29 22.83 -23.67
C TYR B 450 -25.42 22.42 -24.62
N PRO B 451 -25.15 22.44 -25.95
CA PRO B 451 -26.19 22.13 -26.94
C PRO B 451 -26.84 20.76 -26.75
N ARG B 452 -26.15 19.83 -26.13
CA ARG B 452 -26.65 18.47 -25.92
C ARG B 452 -27.45 18.30 -24.62
N VAL B 453 -27.77 19.41 -23.96
CA VAL B 453 -28.45 19.36 -22.67
C VAL B 453 -29.82 18.67 -22.74
N ASP B 454 -30.52 18.85 -23.85
CA ASP B 454 -31.87 18.30 -23.99
C ASP B 454 -31.83 16.79 -24.17
N GLU B 455 -30.88 16.32 -24.98
CA GLU B 455 -30.55 14.90 -25.07
C GLU B 455 -30.32 14.34 -23.65
N TRP B 456 -29.48 15.03 -22.87
CA TRP B 456 -29.19 14.66 -21.49
C TRP B 456 -30.39 14.60 -20.59
N ILE B 457 -31.23 15.65 -20.63
CA ILE B 457 -32.44 15.74 -19.81
C ILE B 457 -33.40 14.58 -20.08
N SER B 458 -33.51 14.23 -21.36
CA SER B 458 -34.33 13.09 -21.79
C SER B 458 -33.91 11.81 -21.07
N VAL B 459 -32.62 11.53 -21.08
CA VAL B 459 -32.04 10.36 -20.40
C VAL B 459 -32.29 10.44 -18.89
N ARG B 460 -32.18 11.63 -18.33
CA ARG B 460 -32.37 11.85 -16.90
C ARG B 460 -33.79 11.57 -16.39
N ARG B 461 -34.80 11.94 -17.17
CA ARG B 461 -36.20 11.73 -16.80
C ARG B 461 -36.60 10.27 -17.02
N LYS B 462 -35.97 9.66 -18.02
CA LYS B 462 -36.14 8.25 -18.30
C LYS B 462 -35.74 7.39 -17.09
N VAL B 463 -34.84 7.92 -16.26
CA VAL B 463 -34.30 7.18 -15.11
C VAL B 463 -34.82 7.71 -13.77
N ASP B 464 -35.25 8.98 -13.74
CA ASP B 464 -35.75 9.60 -12.51
C ASP B 464 -36.96 10.49 -12.84
N PRO B 465 -38.11 9.88 -13.20
CA PRO B 465 -39.26 10.68 -13.64
C PRO B 465 -39.91 11.48 -12.51
N LEU B 466 -39.87 10.97 -11.29
CA LEU B 466 -40.54 11.59 -10.14
C LEU B 466 -39.68 12.61 -9.39
N ARG B 467 -38.54 12.98 -9.97
CA ARG B 467 -37.59 13.94 -9.37
C ARG B 467 -37.07 13.53 -8.00
N VAL B 468 -36.57 12.31 -7.88
CA VAL B 468 -36.01 11.82 -6.61
C VAL B 468 -34.65 12.45 -6.33
N PHE B 469 -33.85 12.62 -7.39
CA PHE B 469 -32.53 13.25 -7.27
C PHE B 469 -32.53 14.69 -7.77
N ALA B 470 -32.17 15.60 -6.88
CA ALA B 470 -32.23 17.04 -7.16
C ALA B 470 -31.28 17.83 -6.26
N SER B 471 -30.91 19.02 -6.71
CA SER B 471 -29.94 19.86 -6.02
C SER B 471 -30.25 21.33 -6.22
N ASP B 472 -29.56 22.20 -5.46
CA ASP B 472 -29.68 23.63 -5.70
C ASP B 472 -29.28 24.02 -7.11
N MET B 473 -28.33 23.28 -7.68
CA MET B 473 -27.88 23.55 -9.05
C MET B 473 -28.94 23.15 -10.05
N ALA B 474 -29.49 21.95 -9.89
CA ALA B 474 -30.47 21.41 -10.82
C ALA B 474 -31.67 22.34 -11.00
N ARG B 475 -32.14 22.91 -9.89
CA ARG B 475 -33.31 23.80 -9.93
C ARG B 475 -32.97 25.16 -10.54
N ARG B 476 -31.77 25.66 -10.24
CA ARG B 476 -31.27 26.90 -10.84
C ARG B 476 -31.08 26.77 -12.36
N LEU B 477 -30.44 25.69 -12.80
CA LEU B 477 -30.12 25.50 -14.21
C LEU B 477 -31.21 24.77 -14.95
N GLU B 478 -32.31 24.48 -14.24
CA GLU B 478 -33.46 23.74 -14.78
C GLU B 478 -33.03 22.48 -15.52
N LEU B 479 -32.49 21.53 -14.78
CA LEU B 479 -32.02 20.27 -15.36
C LEU B 479 -32.96 19.09 -15.06
N LEU B 480 -33.75 19.22 -14.00
CA LEU B 480 -34.72 18.18 -13.60
C LEU B 480 -35.68 17.79 -14.74
PA FAD C . 16.65 -17.32 2.49
O1A FAD C . 17.36 -17.27 3.82
O2A FAD C . 17.27 -16.60 1.31
O5B FAD C . 16.36 -18.86 2.16
C5B FAD C . 16.04 -19.77 3.23
C4B FAD C . 15.44 -21.06 2.71
O4B FAD C . 14.25 -20.74 2.00
C3B FAD C . 16.35 -21.79 1.72
O3B FAD C . 16.25 -23.20 1.93
C2B FAD C . 15.80 -21.47 0.35
O2B FAD C . 16.00 -22.49 -0.64
C1B FAD C . 14.32 -21.29 0.69
N9A FAD C . 13.67 -20.42 -0.30
C8A FAD C . 13.77 -19.08 -0.41
N7A FAD C . 13.02 -18.61 -1.43
C5A FAD C . 12.42 -19.68 -2.00
C6A FAD C . 11.50 -19.90 -3.12
N6A FAD C . 11.04 -18.85 -3.86
N1A FAD C . 11.11 -21.18 -3.38
C2A FAD C . 11.53 -22.22 -2.65
N3A FAD C . 12.39 -22.10 -1.61
C4A FAD C . 12.85 -20.87 -1.25
N1 FAD C . 12.27 -16.84 11.63
C2 FAD C . 11.13 -17.12 12.31
O2 FAD C . 10.52 -18.19 12.00
N3 FAD C . 10.66 -16.30 13.26
C4 FAD C . 11.28 -15.15 13.61
O4 FAD C . 10.82 -14.39 14.48
C4X FAD C . 12.55 -14.79 12.92
N5 FAD C . 13.23 -13.66 13.20
C5X FAD C . 14.38 -13.36 12.54
C6 FAD C . 15.06 -12.20 12.86
C7 FAD C . 16.25 -11.87 12.20
C7M FAD C . 16.99 -10.60 12.54
C8 FAD C . 16.78 -12.77 11.14
C8M FAD C . 18.06 -12.41 10.43
C9 FAD C . 16.09 -13.94 10.80
C9A FAD C . 14.92 -14.28 11.47
N10 FAD C . 14.20 -15.46 11.17
C10 FAD C . 13.01 -15.73 11.88
C1' FAD C . 14.63 -16.42 10.15
C2' FAD C . 13.95 -16.09 8.81
O2' FAD C . 12.56 -15.75 8.97
C3' FAD C . 14.04 -17.25 7.85
O3' FAD C . 15.41 -17.59 7.69
C4' FAD C . 13.46 -16.93 6.47
O4' FAD C . 13.34 -18.18 5.79
C5' FAD C . 14.34 -15.98 5.66
O5' FAD C . 13.77 -15.71 4.39
P FAD C . 14.68 -15.34 3.10
O1P FAD C . 13.80 -14.82 2.00
O2P FAD C . 15.86 -14.53 3.58
O3P FAD C . 15.13 -16.82 2.67
N37 R26 D . 16.89 -9.34 23.17
CAW R26 D . 16.43 -9.48 22.11
CAV R26 D . 15.98 -9.63 20.91
CAU R26 D . 16.50 -10.65 20.11
CAT R26 D . 16.03 -10.82 18.82
CAY R26 D . 14.98 -8.79 20.41
CAZ R26 D . 14.50 -8.96 19.11
CAS R26 D . 15.03 -9.98 18.31
CAR R26 D . 14.52 -10.16 16.91
NAQ R26 D . 15.09 -11.36 16.32
CAP R26 D . 14.46 -12.56 16.41
CAC R26 D . 15.06 -13.72 15.91
CAB R26 D . 16.42 -13.74 15.25
OAA R26 D . 17.22 -12.80 15.38
OBA R26 D . 16.76 -14.72 14.58
NAD R26 D . 14.39 -14.89 16.02
CAE R26 D . 13.18 -14.95 16.61
CAF R26 D . 12.52 -16.18 16.70
CAG R26 D . 11.27 -16.25 17.31
NAO R26 D . 13.23 -12.62 17.00
CAN R26 D . 12.57 -13.80 17.11
CAM R26 D . 11.32 -13.87 17.71
CAH R26 D . 10.66 -15.11 17.81
CAI R26 D . 9.30 -15.24 18.45
FAL R26 D . 9.03 -14.18 19.19
FAJ R26 D . 9.27 -16.29 19.23
FAK R26 D . 8.38 -15.42 17.54
N1 IMD E . -7.95 -9.64 -8.60
C2 IMD E . -8.30 -10.38 -7.52
N3 IMD E . -9.60 -10.13 -7.25
C4 IMD E . -10.07 -9.25 -8.16
C5 IMD E . -9.03 -8.94 -9.01
O1 2J3 F . 11.88 -6.81 25.02
O2 2J3 F . 10.24 -9.05 23.83
C3 2J3 F . 10.47 -6.72 24.69
O3 2J3 F . 10.50 -9.54 20.80
C4 2J3 F . 10.15 -7.66 23.51
O4 2J3 F . 7.86 -10.03 18.34
C5 2J3 F . 11.21 -9.85 23.11
C16 2J3 F . 9.63 -7.01 25.92
C15 2J3 F . 12.53 -9.13 22.81
C6 2J3 F . 10.60 -10.48 21.86
C7 2J3 F . 9.88 -10.08 19.63
C14 2J3 F . 10.84 -9.98 18.43
C8 2J3 F . 8.59 -9.33 19.35
PA FAD G . -18.47 17.24 -4.28
O1A FAD G . -17.98 18.66 -4.48
O2A FAD G . -18.85 16.77 -2.90
O5B FAD G . -19.72 16.94 -5.24
C5B FAD G . -19.78 17.56 -6.52
C4B FAD G . -20.71 16.81 -7.46
O4B FAD G . -20.39 15.41 -7.49
C3B FAD G . -22.17 16.91 -7.04
O3B FAD G . -22.92 17.07 -8.24
C2B FAD G . -22.49 15.56 -6.42
O2B FAD G . -23.85 15.18 -6.60
C1B FAD G . -21.57 14.64 -7.21
N9A FAD G . -21.26 13.39 -6.48
C8A FAD G . -20.34 13.22 -5.51
N7A FAD G . -20.33 11.94 -5.07
C5A FAD G . -21.25 11.26 -5.76
C6A FAD G . -21.77 9.87 -5.81
N6A FAD G . -21.27 8.92 -4.98
N1A FAD G . -22.76 9.58 -6.68
C2A FAD G . -23.28 10.51 -7.51
N3A FAD G . -22.87 11.79 -7.53
C4A FAD G . -21.88 12.22 -6.70
N1 FAD G . -11.69 20.04 -11.20
C2 FAD G . -11.13 19.67 -12.37
O2 FAD G . -11.88 19.14 -13.22
N3 FAD G . -9.82 19.86 -12.61
C4 FAD G . -8.98 20.43 -11.72
O4 FAD G . -7.76 20.58 -11.95
C4X FAD G . -9.53 20.85 -10.41
N5 FAD G . -8.78 21.43 -9.43
C5X FAD G . -9.34 21.79 -8.24
C6 FAD G . -8.55 22.37 -7.27
C7 FAD G . -9.06 22.79 -6.05
C7M FAD G . -8.15 23.41 -5.02
C8 FAD G . -10.53 22.58 -5.79
C8M FAD G . -11.14 23.00 -4.46
C9 FAD G . -11.33 21.99 -6.76
C9A FAD G . -10.80 21.59 -7.99
N10 FAD G . -11.59 20.99 -9.00
C10 FAD G . -10.98 20.62 -10.21
C1' FAD G . -13.03 20.74 -8.84
C2' FAD G . -13.24 19.30 -8.37
O2' FAD G . -12.43 18.39 -9.11
C3' FAD G . -14.69 18.87 -8.56
O3' FAD G . -15.55 19.88 -8.03
C4' FAD G . -14.95 17.54 -7.85
O4' FAD G . -16.18 17.03 -8.36
C5' FAD G . -15.01 17.68 -6.34
O5' FAD G . -15.05 16.38 -5.76
P FAD G . -15.88 16.08 -4.41
O1P FAD G . -15.63 14.64 -4.05
O2P FAD G . -15.61 17.16 -3.39
O3P FAD G . -17.40 16.20 -4.91
N37 R26 H . -1.46 30.05 -10.05
CAW R26 H . -1.95 29.08 -9.65
CAV R26 H . -2.56 28.00 -9.31
CAU R26 H . -3.95 27.94 -9.37
CAT R26 H . -4.61 26.78 -8.99
CAY R26 H . -1.83 26.88 -8.88
CAZ R26 H . -2.50 25.72 -8.51
CAS R26 H . -3.89 25.67 -8.57
CAR R26 H . -4.61 24.41 -8.15
NAQ R26 H . -6.03 24.56 -8.36
CAP R26 H . -6.64 24.33 -9.55
CAC R26 H . -7.98 24.66 -9.73
CAB R26 H . -8.76 25.30 -8.61
OAA R26 H . -10.02 25.29 -8.62
OBA R26 H . -8.12 25.85 -7.69
NAD R26 H . -8.58 24.43 -10.93
CAE R26 H . -7.89 23.87 -11.95
CAF R26 H . -8.52 23.62 -13.17
CAG R26 H . -7.80 23.05 -14.21
NAO R26 H . -5.94 23.77 -10.58
CAN R26 H . -6.54 23.54 -11.77
CAM R26 H . -5.82 22.97 -12.82
CAH R26 H . -6.45 22.72 -14.04
CAI R26 H . -5.70 22.11 -15.18
FAL R26 H . -4.40 22.13 -14.92
FAJ R26 H . -5.92 22.79 -16.28
FAK R26 H . -6.12 20.87 -15.36
#